data_1FHF
#
_entry.id   1FHF
#
_cell.length_a   106.454
_cell.length_b   106.454
_cell.length_c   104.996
_cell.angle_alpha   90.00
_cell.angle_beta   90.00
_cell.angle_gamma   120.00
#
_symmetry.space_group_name_H-M   'P 31'
#
loop_
_entity.id
_entity.type
_entity.pdbx_description
1 polymer 'SEED COAT PEROXIDASE'
2 non-polymer 'CALCIUM ION'
3 non-polymer 'PROTOPORPHYRIN IX CONTAINING FE'
4 non-polymer 2-AMINO-2-HYDROXYMETHYL-PROPANE-1,3-DIOL
5 water water
#
_entity_poly.entity_id   1
_entity_poly.type   'polypeptide(L)'
_entity_poly.pdbx_seq_one_letter_code
;QLTPTFYRETCPNLFPIVFGVIFDASFTDPRIGASLMRLHFHDCFVQGCDGSVLLNNTDTIESEQDALPNINSIRGLDVV
NDIKTAVENSCPDTVSCADILAIAAEIASVLGGGPGWPVPLGRRDSLTANRTLANQNLPAPFFNLTQLKASFAVQGLNTL
DLVTLSGGHTFGRARCSTFINRLYNFSNTGNPDPTLNTTYLEVLRARCPQNATGDNLTNLDLSTPDQFDNRYYSNLLQLN
GLLQSDQELFSTPGADTIPIVNSFSSNQNTFFSNFRVSMIKMGNIGVLTGDEGEIRLQCNFVNG
;
_entity_poly.pdbx_strand_id   A,B,C
#
# COMPACT_ATOMS: atom_id res chain seq x y z
N GLN A 1 -23.07 -1.16 23.55
CA GLN A 1 -22.63 -2.56 23.89
C GLN A 1 -21.16 -2.82 23.58
N LEU A 2 -20.32 -2.68 24.61
CA LEU A 2 -18.87 -2.87 24.50
C LEU A 2 -18.45 -4.10 23.70
N THR A 3 -17.56 -3.88 22.73
CA THR A 3 -17.05 -4.95 21.86
C THR A 3 -15.53 -4.91 21.79
N PRO A 4 -14.87 -6.08 21.78
CA PRO A 4 -13.41 -6.09 21.72
C PRO A 4 -12.81 -5.62 20.39
N THR A 5 -13.62 -5.54 19.35
CA THR A 5 -13.12 -5.09 18.05
C THR A 5 -13.67 -3.73 17.65
N PHE A 6 -14.17 -3.00 18.63
CA PHE A 6 -14.73 -1.68 18.42
C PHE A 6 -13.83 -0.78 17.55
N TYR A 7 -12.54 -1.08 17.49
CA TYR A 7 -11.63 -0.26 16.70
C TYR A 7 -11.02 -0.98 15.50
N ARG A 8 -11.48 -2.19 15.21
CA ARG A 8 -10.96 -2.97 14.10
C ARG A 8 -10.63 -2.13 12.86
N GLU A 9 -11.53 -1.22 12.50
CA GLU A 9 -11.34 -0.35 11.34
C GLU A 9 -10.78 1.00 11.79
N THR A 10 -11.41 1.56 12.82
CA THR A 10 -11.06 2.86 13.39
C THR A 10 -9.60 3.08 13.81
N CYS A 11 -9.05 2.14 14.56
CA CYS A 11 -7.67 2.25 15.02
C CYS A 11 -7.04 0.86 14.97
N PRO A 12 -6.78 0.36 13.75
CA PRO A 12 -6.19 -0.93 13.42
C PRO A 12 -5.14 -1.45 14.40
N ASN A 13 -4.04 -0.72 14.53
CA ASN A 13 -2.98 -1.16 15.44
C ASN A 13 -3.00 -0.40 16.76
N LEU A 14 -4.15 -0.38 17.42
CA LEU A 14 -4.26 0.30 18.70
C LEU A 14 -3.40 -0.44 19.73
N PHE A 15 -3.72 -1.70 19.97
CA PHE A 15 -2.98 -2.51 20.92
C PHE A 15 -1.46 -2.45 20.74
N PRO A 16 -0.96 -2.77 19.54
CA PRO A 16 0.49 -2.70 19.37
C PRO A 16 1.13 -1.41 19.90
N ILE A 17 0.50 -0.26 19.63
CA ILE A 17 1.01 1.03 20.08
C ILE A 17 1.12 1.12 21.60
N VAL A 18 -0.01 0.98 22.29
CA VAL A 18 0.00 1.07 23.75
C VAL A 18 0.90 -0.02 24.39
N PHE A 19 0.94 -1.22 23.80
CA PHE A 19 1.77 -2.28 24.35
C PHE A 19 3.23 -1.82 24.35
N GLY A 20 3.65 -1.25 23.23
CA GLY A 20 5.02 -0.76 23.12
C GLY A 20 5.34 0.30 24.16
N VAL A 21 4.44 1.26 24.33
CA VAL A 21 4.64 2.32 25.31
C VAL A 21 4.90 1.76 26.70
N ILE A 22 3.96 0.96 27.20
CA ILE A 22 4.09 0.39 28.55
C ILE A 22 5.34 -0.48 28.71
N PHE A 23 5.75 -1.14 27.63
CA PHE A 23 6.94 -2.00 27.66
C PHE A 23 8.23 -1.18 27.85
N ASP A 24 8.40 -0.10 27.09
CA ASP A 24 9.60 0.73 27.24
C ASP A 24 9.62 1.46 28.58
N ALA A 25 8.42 1.81 29.06
CA ALA A 25 8.29 2.55 30.31
C ALA A 25 8.66 1.67 31.49
N SER A 26 8.94 0.40 31.23
CA SER A 26 9.32 -0.53 32.30
C SER A 26 10.81 -0.81 32.32
N PHE A 27 11.51 -0.36 31.27
CA PHE A 27 12.95 -0.58 31.19
C PHE A 27 13.60 0.04 32.42
N THR A 28 12.96 1.07 32.97
CA THR A 28 13.48 1.76 34.14
C THR A 28 12.58 1.72 35.36
N ASP A 29 11.38 1.14 35.23
CA ASP A 29 10.46 1.06 36.37
C ASP A 29 9.63 -0.22 36.38
N PRO A 30 10.09 -1.24 37.13
CA PRO A 30 9.42 -2.53 37.24
C PRO A 30 8.19 -2.48 38.12
N ARG A 31 7.57 -1.30 38.22
CA ARG A 31 6.39 -1.15 39.05
C ARG A 31 5.24 -0.48 38.31
N ILE A 32 5.56 0.16 37.19
CA ILE A 32 4.55 0.86 36.42
C ILE A 32 3.36 -0.02 36.04
N GLY A 33 3.59 -1.32 35.92
CA GLY A 33 2.53 -2.24 35.58
C GLY A 33 1.47 -2.29 36.68
N ALA A 34 1.89 -2.60 37.90
CA ALA A 34 0.98 -2.67 39.02
C ALA A 34 0.29 -1.31 39.21
N SER A 35 1.07 -0.23 39.08
CA SER A 35 0.53 1.11 39.24
C SER A 35 -0.61 1.40 38.25
N LEU A 36 -0.42 1.01 36.99
CA LEU A 36 -1.43 1.25 35.97
C LEU A 36 -2.73 0.48 36.24
N MET A 37 -2.61 -0.78 36.68
CA MET A 37 -3.78 -1.60 36.98
C MET A 37 -4.64 -0.95 38.07
N ARG A 38 -4.03 -0.71 39.22
CA ARG A 38 -4.71 -0.10 40.36
C ARG A 38 -5.37 1.22 39.95
N LEU A 39 -4.85 1.85 38.91
CA LEU A 39 -5.37 3.11 38.42
C LEU A 39 -6.74 2.88 37.79
N HIS A 40 -6.86 1.81 37.02
CA HIS A 40 -8.10 1.42 36.35
C HIS A 40 -9.16 1.09 37.42
N PHE A 41 -8.68 0.56 38.54
CA PHE A 41 -9.54 0.20 39.66
C PHE A 41 -10.15 1.43 40.29
N HIS A 42 -9.33 2.44 40.54
CA HIS A 42 -9.83 3.66 41.17
C HIS A 42 -10.73 4.48 40.27
N ASP A 43 -10.73 4.14 38.99
CA ASP A 43 -11.59 4.87 38.09
C ASP A 43 -13.00 4.31 38.19
N CYS A 44 -13.12 3.01 37.92
CA CYS A 44 -14.39 2.32 37.95
C CYS A 44 -15.27 2.49 39.22
N PHE A 45 -14.68 2.38 40.39
CA PHE A 45 -15.44 2.51 41.63
C PHE A 45 -16.03 3.90 41.94
N VAL A 46 -15.63 4.93 41.19
CA VAL A 46 -16.16 6.28 41.43
C VAL A 46 -16.76 6.87 40.16
N GLN A 47 -18.09 6.99 40.14
CA GLN A 47 -18.83 7.54 39.02
C GLN A 47 -18.83 6.58 37.81
N GLY A 48 -17.93 5.60 37.81
CA GLY A 48 -17.88 4.63 36.72
C GLY A 48 -16.54 4.62 36.02
N CYS A 49 -16.28 3.58 35.23
CA CYS A 49 -15.02 3.50 34.48
C CYS A 49 -15.15 4.54 33.35
N ASP A 50 -14.94 5.81 33.67
CA ASP A 50 -15.08 6.91 32.71
C ASP A 50 -13.91 7.89 32.70
N GLY A 51 -12.76 7.44 33.17
CA GLY A 51 -11.59 8.30 33.22
C GLY A 51 -11.69 9.51 34.12
N SER A 52 -12.85 9.73 34.72
CA SER A 52 -13.09 10.87 35.60
C SER A 52 -11.98 11.17 36.59
N VAL A 53 -11.18 10.17 36.92
CA VAL A 53 -10.11 10.32 37.91
C VAL A 53 -8.85 11.01 37.40
N LEU A 54 -8.67 11.03 36.08
CA LEU A 54 -7.48 11.64 35.48
C LEU A 54 -7.60 13.16 35.31
N LEU A 55 -8.78 13.71 35.59
CA LEU A 55 -8.99 15.15 35.47
C LEU A 55 -8.29 15.95 36.59
N ASN A 56 -7.59 17.01 36.20
CA ASN A 56 -6.87 17.87 37.16
C ASN A 56 -7.77 18.99 37.66
N ASN A 57 -7.24 19.76 38.62
CA ASN A 57 -8.00 20.87 39.18
C ASN A 57 -8.23 22.06 38.24
N THR A 58 -9.50 22.44 38.12
CA THR A 58 -9.92 23.55 37.27
C THR A 58 -10.78 24.48 38.11
N ASP A 59 -11.12 25.64 37.54
CA ASP A 59 -11.98 26.61 38.22
C ASP A 59 -13.33 25.95 38.32
N THR A 60 -13.55 24.96 37.45
CA THR A 60 -14.81 24.24 37.40
C THR A 60 -14.79 22.83 37.97
N ILE A 61 -13.60 22.23 38.17
CA ILE A 61 -13.52 20.87 38.73
C ILE A 61 -12.55 20.69 39.92
N GLU A 62 -12.98 19.91 40.91
CA GLU A 62 -12.16 19.63 42.09
C GLU A 62 -11.71 18.16 42.05
N SER A 63 -10.55 17.92 41.45
CA SER A 63 -9.99 16.57 41.29
C SER A 63 -10.13 15.53 42.40
N GLU A 64 -10.47 14.31 41.99
CA GLU A 64 -10.60 13.19 42.92
C GLU A 64 -9.21 12.85 43.45
N GLN A 65 -8.19 13.25 42.69
CA GLN A 65 -6.80 13.02 43.03
C GLN A 65 -6.42 13.55 44.41
N ASP A 66 -7.33 14.31 45.01
CA ASP A 66 -7.12 14.90 46.32
C ASP A 66 -7.95 14.25 47.42
N ALA A 67 -8.65 13.17 47.09
CA ALA A 67 -9.45 12.49 48.09
C ALA A 67 -8.50 11.69 48.98
N LEU A 68 -8.97 11.35 50.18
CA LEU A 68 -8.18 10.59 51.14
C LEU A 68 -7.43 9.38 50.56
N PRO A 69 -8.11 8.51 49.80
CA PRO A 69 -7.43 7.34 49.24
C PRO A 69 -6.54 7.57 48.02
N ASN A 70 -6.65 8.75 47.39
CA ASN A 70 -5.86 9.08 46.20
C ASN A 70 -4.63 9.92 46.50
N ILE A 71 -4.79 10.88 47.41
CA ILE A 71 -3.72 11.79 47.79
C ILE A 71 -2.43 11.06 48.17
N ASN A 72 -1.31 11.53 47.63
CA ASN A 72 0.00 10.95 47.91
C ASN A 72 0.06 9.43 47.76
N SER A 73 -0.75 8.86 46.87
CA SER A 73 -0.76 7.41 46.70
C SER A 73 -0.73 6.92 45.23
N ILE A 74 -1.77 7.20 44.45
CA ILE A 74 -1.80 6.75 43.06
C ILE A 74 -0.70 7.42 42.22
N ARG A 75 -0.25 6.76 41.15
CA ARG A 75 0.81 7.32 40.31
C ARG A 75 0.82 6.78 38.89
N GLY A 76 1.51 7.47 37.99
CA GLY A 76 1.60 7.03 36.60
C GLY A 76 0.73 7.74 35.58
N LEU A 77 0.14 8.86 35.95
CA LEU A 77 -0.70 9.61 35.03
C LEU A 77 0.15 10.16 33.90
N ASP A 78 1.46 10.15 34.14
CA ASP A 78 2.47 10.62 33.19
C ASP A 78 2.67 9.63 32.05
N VAL A 79 2.79 8.36 32.41
CA VAL A 79 2.97 7.32 31.40
C VAL A 79 1.64 7.20 30.67
N VAL A 80 0.56 7.51 31.38
CA VAL A 80 -0.78 7.46 30.81
C VAL A 80 -0.92 8.46 29.66
N ASN A 81 -0.42 9.68 29.86
CA ASN A 81 -0.50 10.69 28.81
C ASN A 81 0.40 10.36 27.60
N ASP A 82 1.51 9.68 27.84
CA ASP A 82 2.41 9.30 26.76
C ASP A 82 1.72 8.34 25.79
N ILE A 83 0.84 7.52 26.35
CA ILE A 83 0.06 6.56 25.57
C ILE A 83 -0.88 7.33 24.65
N LYS A 84 -1.64 8.26 25.23
CA LYS A 84 -2.58 9.09 24.51
C LYS A 84 -1.91 9.81 23.34
N THR A 85 -0.76 10.43 23.63
CA THR A 85 0.02 11.16 22.64
C THR A 85 0.41 10.31 21.43
N ALA A 86 0.87 9.09 21.68
CA ALA A 86 1.28 8.17 20.63
C ALA A 86 0.09 7.57 19.87
N VAL A 87 -1.02 7.38 20.58
CA VAL A 87 -2.24 6.83 19.98
C VAL A 87 -2.84 7.88 19.04
N GLU A 88 -2.84 9.14 19.49
CA GLU A 88 -3.34 10.28 18.72
C GLU A 88 -2.58 10.46 17.40
N ASN A 89 -1.27 10.29 17.45
CA ASN A 89 -0.44 10.43 16.26
C ASN A 89 -0.83 9.42 15.19
N SER A 90 -1.68 8.47 15.56
CA SER A 90 -2.14 7.45 14.61
C SER A 90 -3.63 7.52 14.34
N CYS A 91 -4.42 7.62 15.41
CA CYS A 91 -5.87 7.67 15.33
C CYS A 91 -6.42 8.97 15.89
N PRO A 92 -6.15 10.10 15.22
CA PRO A 92 -6.61 11.42 15.66
C PRO A 92 -8.01 11.41 16.28
N ASP A 93 -8.07 11.83 17.53
CA ASP A 93 -9.28 11.88 18.35
C ASP A 93 -10.36 10.81 18.02
N THR A 94 -10.05 9.54 18.34
CA THR A 94 -10.99 8.45 18.14
C THR A 94 -11.01 7.49 19.33
N VAL A 95 -9.87 7.33 20.02
CA VAL A 95 -9.83 6.44 21.19
C VAL A 95 -9.89 7.22 22.52
N SER A 96 -10.73 6.75 23.44
CA SER A 96 -10.93 7.41 24.73
C SER A 96 -9.89 7.07 25.79
N CYS A 97 -9.75 7.97 26.77
CA CYS A 97 -8.81 7.76 27.85
C CYS A 97 -9.33 6.58 28.68
N ALA A 98 -10.64 6.58 28.95
CA ALA A 98 -11.27 5.51 29.72
C ALA A 98 -10.78 4.16 29.24
N ASP A 99 -10.97 3.89 27.95
CA ASP A 99 -10.55 2.60 27.38
C ASP A 99 -9.06 2.33 27.58
N ILE A 100 -8.23 3.37 27.39
CA ILE A 100 -6.79 3.23 27.55
C ILE A 100 -6.43 2.64 28.93
N LEU A 101 -7.12 3.08 29.98
CA LEU A 101 -6.81 2.54 31.31
C LEU A 101 -7.16 1.06 31.37
N ALA A 102 -8.28 0.69 30.75
CA ALA A 102 -8.72 -0.70 30.75
C ALA A 102 -7.77 -1.62 29.99
N ILE A 103 -7.17 -1.08 28.93
CA ILE A 103 -6.23 -1.85 28.12
C ILE A 103 -4.90 -2.00 28.86
N ALA A 104 -4.55 -0.98 29.64
CA ALA A 104 -3.32 -1.00 30.39
C ALA A 104 -3.34 -2.11 31.45
N ALA A 105 -4.44 -2.22 32.18
CA ALA A 105 -4.58 -3.24 33.23
C ALA A 105 -4.38 -4.65 32.70
N GLU A 106 -4.93 -4.96 31.52
CA GLU A 106 -4.79 -6.30 30.93
C GLU A 106 -3.33 -6.50 30.50
N ILE A 107 -2.77 -5.51 29.79
CA ILE A 107 -1.39 -5.62 29.34
C ILE A 107 -0.45 -5.83 30.54
N ALA A 108 -0.70 -5.11 31.62
CA ALA A 108 0.11 -5.22 32.83
C ALA A 108 0.22 -6.69 33.30
N SER A 109 -0.93 -7.36 33.37
CA SER A 109 -0.99 -8.76 33.78
C SER A 109 -0.11 -9.63 32.87
N VAL A 110 -0.35 -9.53 31.58
CA VAL A 110 0.41 -10.30 30.60
C VAL A 110 1.90 -10.02 30.75
N LEU A 111 2.25 -8.75 30.90
CA LEU A 111 3.63 -8.33 31.02
C LEU A 111 4.28 -8.74 32.35
N GLY A 112 3.50 -9.31 33.25
CA GLY A 112 4.03 -9.73 34.54
C GLY A 112 3.94 -11.23 34.79
N GLY A 113 3.59 -11.97 33.74
CA GLY A 113 3.45 -13.41 33.85
C GLY A 113 2.01 -13.87 33.99
N GLY A 114 1.12 -12.96 34.38
CA GLY A 114 -0.28 -13.33 34.55
C GLY A 114 -1.00 -13.69 33.27
N PRO A 115 -2.32 -13.98 33.32
CA PRO A 115 -3.14 -14.35 32.16
C PRO A 115 -3.61 -13.15 31.34
N GLY A 116 -4.09 -13.42 30.13
CA GLY A 116 -4.59 -12.37 29.26
C GLY A 116 -6.05 -12.63 28.91
N TRP A 117 -6.69 -11.69 28.22
CA TRP A 117 -8.09 -11.83 27.80
C TRP A 117 -8.48 -10.70 26.83
N PRO A 118 -9.48 -10.95 25.96
CA PRO A 118 -9.94 -9.95 24.99
C PRO A 118 -10.68 -8.81 25.69
N VAL A 119 -10.12 -7.61 25.64
CA VAL A 119 -10.73 -6.48 26.30
C VAL A 119 -11.85 -5.84 25.51
N PRO A 120 -13.08 -5.84 26.07
CA PRO A 120 -14.21 -5.23 25.37
C PRO A 120 -14.02 -3.73 25.44
N LEU A 121 -14.15 -3.05 24.31
CA LEU A 121 -13.93 -1.61 24.27
C LEU A 121 -15.09 -0.80 23.72
N GLY A 122 -14.95 0.52 23.77
CA GLY A 122 -15.99 1.41 23.27
C GLY A 122 -16.58 2.40 24.26
N ARG A 123 -15.94 2.57 25.42
CA ARG A 123 -16.44 3.51 26.43
C ARG A 123 -16.12 4.94 26.03
N ARG A 124 -16.77 5.90 26.67
CA ARG A 124 -16.53 7.32 26.38
C ARG A 124 -16.23 8.08 27.67
N ASP A 125 -15.37 9.09 27.57
CA ASP A 125 -14.95 9.94 28.69
C ASP A 125 -16.08 10.78 29.30
N SER A 126 -15.89 11.20 30.55
CA SER A 126 -16.89 12.02 31.24
C SER A 126 -16.58 13.51 31.11
N LEU A 127 -17.38 14.31 31.80
CA LEU A 127 -17.24 15.76 31.78
C LEU A 127 -17.25 16.31 33.21
N THR A 128 -17.31 15.40 34.17
CA THR A 128 -17.37 15.77 35.59
C THR A 128 -16.46 14.89 36.44
N ALA A 129 -16.44 15.19 37.73
CA ALA A 129 -15.65 14.43 38.69
C ALA A 129 -16.36 14.51 40.04
N ASN A 130 -16.04 13.58 40.94
CA ASN A 130 -16.66 13.59 42.27
C ASN A 130 -15.69 13.20 43.38
N ARG A 131 -15.10 14.20 44.02
CA ARG A 131 -14.16 13.96 45.10
C ARG A 131 -14.80 13.27 46.32
N THR A 132 -15.88 13.84 46.86
CA THR A 132 -16.51 13.24 48.04
C THR A 132 -16.89 11.79 47.78
N LEU A 133 -17.45 11.53 46.61
CA LEU A 133 -17.85 10.18 46.24
C LEU A 133 -16.64 9.26 46.39
N ALA A 134 -15.49 9.72 45.89
CA ALA A 134 -14.26 8.96 45.99
C ALA A 134 -14.02 8.48 47.43
N ASN A 135 -14.10 9.39 48.39
CA ASN A 135 -13.90 9.05 49.80
C ASN A 135 -14.87 8.02 50.32
N GLN A 136 -16.09 8.06 49.84
CA GLN A 136 -17.10 7.14 50.31
C GLN A 136 -17.31 5.87 49.48
N ASN A 137 -16.47 5.67 48.47
CA ASN A 137 -16.62 4.49 47.62
C ASN A 137 -15.43 3.52 47.61
N LEU A 138 -14.22 4.02 47.82
CA LEU A 138 -13.05 3.16 47.84
C LEU A 138 -12.79 2.60 49.23
N PRO A 139 -12.73 1.26 49.36
CA PRO A 139 -12.48 0.62 50.64
C PRO A 139 -11.15 0.99 51.27
N ALA A 140 -11.13 1.05 52.60
CA ALA A 140 -9.92 1.37 53.35
C ALA A 140 -9.35 0.07 53.92
N PRO A 141 -8.03 0.01 54.13
CA PRO A 141 -7.38 -1.18 54.69
C PRO A 141 -7.76 -1.58 56.13
N PHE A 142 -8.29 -0.65 56.91
CA PHE A 142 -8.68 -0.97 58.28
C PHE A 142 -10.13 -1.46 58.37
N PHE A 143 -10.70 -1.81 57.22
CA PHE A 143 -12.06 -2.32 57.17
C PHE A 143 -12.10 -3.78 57.57
N ASN A 144 -13.21 -4.21 58.16
CA ASN A 144 -13.36 -5.61 58.53
C ASN A 144 -14.04 -6.31 57.34
N LEU A 145 -14.14 -7.63 57.40
CA LEU A 145 -14.75 -8.39 56.30
C LEU A 145 -16.13 -7.86 55.94
N THR A 146 -16.98 -7.71 56.95
CA THR A 146 -18.34 -7.23 56.71
C THR A 146 -18.32 -5.95 55.89
N GLN A 147 -17.49 -5.00 56.30
CA GLN A 147 -17.36 -3.73 55.61
C GLN A 147 -16.88 -3.88 54.18
N LEU A 148 -15.86 -4.71 53.98
CA LEU A 148 -15.32 -4.93 52.65
C LEU A 148 -16.41 -5.45 51.70
N LYS A 149 -17.07 -6.53 52.11
CA LYS A 149 -18.14 -7.13 51.32
C LYS A 149 -19.20 -6.09 50.89
N ALA A 150 -19.58 -5.23 51.82
CA ALA A 150 -20.59 -4.23 51.56
C ALA A 150 -20.14 -3.22 50.51
N SER A 151 -18.87 -2.83 50.57
CA SER A 151 -18.33 -1.87 49.63
C SER A 151 -18.36 -2.44 48.21
N PHE A 152 -18.07 -3.72 48.07
CA PHE A 152 -18.10 -4.34 46.76
C PHE A 152 -19.53 -4.50 46.23
N ALA A 153 -20.48 -4.70 47.14
CA ALA A 153 -21.87 -4.86 46.75
C ALA A 153 -22.38 -3.57 46.08
N VAL A 154 -22.00 -2.43 46.65
CA VAL A 154 -22.43 -1.15 46.08
C VAL A 154 -22.11 -1.10 44.60
N GLN A 155 -21.00 -1.73 44.21
CA GLN A 155 -20.54 -1.76 42.82
C GLN A 155 -21.15 -2.90 42.00
N GLY A 156 -21.85 -3.80 42.66
CA GLY A 156 -22.44 -4.92 41.95
C GLY A 156 -21.48 -6.09 41.84
N LEU A 157 -20.59 -6.22 42.81
CA LEU A 157 -19.62 -7.33 42.83
C LEU A 157 -19.88 -8.18 44.07
N ASN A 158 -19.70 -9.50 43.92
CA ASN A 158 -19.95 -10.43 45.01
C ASN A 158 -18.75 -10.82 45.83
N THR A 159 -18.97 -11.76 46.74
CA THR A 159 -17.92 -12.25 47.63
C THR A 159 -16.79 -12.86 46.82
N LEU A 160 -17.10 -13.70 45.85
CA LEU A 160 -16.06 -14.32 45.03
C LEU A 160 -15.26 -13.20 44.37
N ASP A 161 -15.99 -12.25 43.76
CA ASP A 161 -15.38 -11.11 43.10
C ASP A 161 -14.39 -10.41 44.03
N LEU A 162 -14.78 -10.21 45.29
CA LEU A 162 -13.91 -9.56 46.27
C LEU A 162 -12.58 -10.32 46.47
N VAL A 163 -12.67 -11.59 46.83
CA VAL A 163 -11.47 -12.39 47.06
C VAL A 163 -10.61 -12.56 45.80
N THR A 164 -11.25 -12.54 44.64
CA THR A 164 -10.54 -12.71 43.37
C THR A 164 -9.69 -11.51 42.95
N LEU A 165 -10.24 -10.31 43.11
CA LEU A 165 -9.53 -9.10 42.73
C LEU A 165 -8.44 -8.68 43.74
N SER A 166 -8.49 -9.27 44.94
CA SER A 166 -7.52 -8.97 45.99
C SER A 166 -6.18 -9.56 45.55
N GLY A 167 -6.25 -10.46 44.57
CA GLY A 167 -5.05 -11.08 44.05
C GLY A 167 -4.18 -10.02 43.39
N GLY A 168 -4.79 -8.89 43.03
CA GLY A 168 -4.03 -7.81 42.42
C GLY A 168 -2.85 -7.46 43.30
N HIS A 169 -2.96 -7.76 44.59
CA HIS A 169 -1.89 -7.47 45.54
C HIS A 169 -0.75 -8.46 45.46
N THR A 170 -0.73 -9.28 44.42
CA THR A 170 0.36 -10.24 44.26
C THR A 170 1.63 -9.50 43.79
N PHE A 171 1.51 -8.20 43.54
CA PHE A 171 2.64 -7.37 43.14
C PHE A 171 2.35 -5.90 43.48
N GLY A 172 3.36 -5.03 43.41
CA GLY A 172 3.16 -3.63 43.75
C GLY A 172 3.70 -3.23 45.13
N ARG A 173 3.55 -1.95 45.47
CA ARG A 173 4.04 -1.42 46.75
C ARG A 173 2.96 -0.84 47.69
N ALA A 174 3.37 -0.54 48.92
CA ALA A 174 2.51 0.03 49.97
C ALA A 174 3.35 0.68 51.08
N ARG A 175 3.00 1.90 51.47
CA ARG A 175 3.75 2.63 52.50
C ARG A 175 3.49 2.15 53.93
N CYS A 176 4.53 2.24 54.77
CA CYS A 176 4.46 1.82 56.18
C CYS A 176 3.16 2.17 56.92
N SER A 177 2.78 3.43 56.86
CA SER A 177 1.58 3.91 57.54
C SER A 177 0.31 3.13 57.26
N THR A 178 0.22 2.53 56.07
CA THR A 178 -0.99 1.78 55.72
C THR A 178 -1.18 0.50 56.50
N PHE A 179 -0.15 0.03 57.21
CA PHE A 179 -0.28 -1.20 57.97
C PHE A 179 0.42 -1.18 59.34
N ILE A 180 1.19 -0.13 59.57
CA ILE A 180 1.94 0.00 60.82
C ILE A 180 1.13 -0.20 62.10
N ASN A 181 -0.15 0.12 62.09
CA ASN A 181 -0.95 -0.06 63.31
C ASN A 181 -0.94 -1.48 63.87
N ARG A 182 -0.61 -2.48 63.04
CA ARG A 182 -0.59 -3.84 63.53
C ARG A 182 0.82 -4.35 63.86
N LEU A 183 1.75 -3.40 63.94
CA LEU A 183 3.16 -3.67 64.25
C LEU A 183 3.51 -3.39 65.72
N TYR A 184 2.83 -2.42 66.34
CA TYR A 184 3.09 -2.07 67.73
C TYR A 184 1.83 -1.97 68.62
N ASN A 185 0.84 -1.20 68.21
CA ASN A 185 -0.37 -1.07 69.02
C ASN A 185 -1.68 -1.30 68.28
N PHE A 186 -2.12 -2.56 68.23
CA PHE A 186 -3.35 -2.94 67.55
C PHE A 186 -4.55 -2.87 68.51
N SER A 187 -5.64 -2.25 68.09
CA SER A 187 -6.85 -2.11 68.90
C SER A 187 -6.66 -1.51 70.28
N ASN A 188 -5.62 -0.69 70.43
CA ASN A 188 -5.28 -0.03 71.70
C ASN A 188 -4.83 -1.05 72.74
N THR A 189 -4.50 -2.26 72.29
CA THR A 189 -4.05 -3.35 73.17
C THR A 189 -2.58 -3.24 73.57
N GLY A 190 -1.83 -2.42 72.85
CA GLY A 190 -0.42 -2.26 73.13
C GLY A 190 0.40 -3.36 72.50
N ASN A 191 -0.27 -4.35 71.89
CA ASN A 191 0.40 -5.49 71.28
C ASN A 191 0.08 -5.68 69.80
N PRO A 192 1.01 -6.26 69.03
CA PRO A 192 0.88 -6.52 67.59
C PRO A 192 -0.36 -7.35 67.26
N ASP A 193 -0.85 -7.21 66.03
CA ASP A 193 -2.01 -7.98 65.58
C ASP A 193 -1.63 -9.45 65.69
N PRO A 194 -2.37 -10.23 66.48
CA PRO A 194 -2.09 -11.66 66.65
C PRO A 194 -2.18 -12.52 65.40
N THR A 195 -2.54 -11.93 64.26
CA THR A 195 -2.66 -12.71 63.03
C THR A 195 -1.53 -12.44 62.03
N LEU A 196 -0.47 -11.80 62.50
CA LEU A 196 0.68 -11.51 61.65
C LEU A 196 1.87 -12.38 62.04
N ASN A 197 2.45 -13.08 61.06
CA ASN A 197 3.61 -13.94 61.25
C ASN A 197 4.64 -13.20 62.11
N THR A 198 5.14 -13.87 63.15
CA THR A 198 6.12 -13.26 64.05
C THR A 198 7.47 -12.97 63.41
N THR A 199 7.87 -13.82 62.47
CA THR A 199 9.14 -13.65 61.80
C THR A 199 9.06 -12.39 60.93
N TYR A 200 7.98 -12.33 60.15
CA TYR A 200 7.72 -11.20 59.27
C TYR A 200 7.55 -9.95 60.14
N LEU A 201 6.90 -10.12 61.30
CA LEU A 201 6.68 -9.01 62.24
C LEU A 201 7.98 -8.31 62.60
N GLU A 202 9.09 -9.02 62.48
CA GLU A 202 10.40 -8.45 62.79
C GLU A 202 10.94 -7.71 61.58
N VAL A 203 11.04 -8.42 60.46
CA VAL A 203 11.55 -7.79 59.25
C VAL A 203 10.82 -6.46 59.03
N LEU A 204 9.51 -6.48 59.28
CA LEU A 204 8.66 -5.31 59.12
C LEU A 204 8.98 -4.18 60.11
N ARG A 205 9.20 -4.53 61.38
CA ARG A 205 9.53 -3.49 62.38
C ARG A 205 10.87 -2.84 61.98
N ALA A 206 11.65 -3.60 61.22
CA ALA A 206 12.94 -3.12 60.76
C ALA A 206 12.72 -2.00 59.73
N ARG A 207 11.96 -2.33 58.68
CA ARG A 207 11.67 -1.37 57.61
C ARG A 207 10.79 -0.22 58.08
N CYS A 208 9.97 -0.48 59.10
CA CYS A 208 9.08 0.55 59.65
C CYS A 208 9.22 0.74 61.16
N PRO A 209 10.17 1.59 61.59
CA PRO A 209 10.45 1.89 63.00
C PRO A 209 9.17 2.27 63.71
N GLN A 210 9.28 2.82 64.92
CA GLN A 210 8.09 3.24 65.65
C GLN A 210 8.02 4.76 65.55
N ASN A 211 8.89 5.30 64.70
CA ASN A 211 8.98 6.72 64.38
C ASN A 211 10.30 6.95 63.64
N ALA A 212 10.19 7.33 62.38
CA ALA A 212 11.34 7.59 61.53
C ALA A 212 11.11 8.90 60.82
N THR A 213 11.90 9.15 59.78
CA THR A 213 11.79 10.40 59.05
C THR A 213 10.87 10.31 57.83
N GLY A 214 10.00 9.31 57.80
CA GLY A 214 9.09 9.18 56.68
C GLY A 214 8.57 7.80 56.34
N ASP A 215 7.71 7.75 55.33
CA ASP A 215 7.10 6.51 54.88
C ASP A 215 7.99 5.74 53.93
N ASN A 216 8.39 4.55 54.36
CA ASN A 216 9.24 3.69 53.55
C ASN A 216 8.34 2.77 52.75
N LEU A 217 8.87 2.19 51.68
CA LEU A 217 8.07 1.28 50.87
C LEU A 217 8.44 -0.17 51.15
N THR A 218 7.49 -1.06 50.93
CA THR A 218 7.67 -2.49 51.14
C THR A 218 6.73 -3.27 50.22
N ASN A 219 7.20 -4.41 49.70
CA ASN A 219 6.39 -5.24 48.79
C ASN A 219 5.14 -5.85 49.42
N LEU A 220 4.07 -5.91 48.63
CA LEU A 220 2.81 -6.48 49.06
C LEU A 220 2.91 -8.00 49.04
N ASP A 221 3.87 -8.51 48.26
CA ASP A 221 4.09 -9.95 48.15
C ASP A 221 5.56 -10.31 48.35
N LEU A 222 5.90 -10.67 49.58
CA LEU A 222 7.27 -11.03 49.95
C LEU A 222 7.83 -12.22 49.20
N SER A 223 6.98 -12.97 48.52
CA SER A 223 7.41 -14.14 47.76
C SER A 223 7.89 -13.73 46.38
N THR A 224 6.97 -13.28 45.53
CA THR A 224 7.31 -12.87 44.18
C THR A 224 6.84 -11.43 43.92
N PRO A 225 7.54 -10.47 44.54
CA PRO A 225 7.31 -9.01 44.49
C PRO A 225 6.90 -8.37 43.18
N ASP A 226 7.33 -8.90 42.04
CA ASP A 226 6.96 -8.30 40.77
C ASP A 226 6.24 -9.22 39.79
N GLN A 227 6.08 -10.49 40.17
CA GLN A 227 5.44 -11.45 39.28
C GLN A 227 3.99 -11.69 39.64
N PHE A 228 3.13 -11.78 38.62
CA PHE A 228 1.70 -12.01 38.82
C PHE A 228 1.43 -13.50 38.97
N ASP A 229 1.27 -13.97 40.20
CA ASP A 229 1.01 -15.40 40.45
C ASP A 229 0.21 -15.63 41.74
N ASN A 230 -0.30 -16.84 41.93
CA ASN A 230 -1.09 -17.12 43.11
C ASN A 230 -0.35 -17.16 44.46
N ARG A 231 0.87 -16.63 44.50
CA ARG A 231 1.64 -16.62 45.75
C ARG A 231 0.95 -15.84 46.87
N TYR A 232 0.24 -14.80 46.49
CA TYR A 232 -0.50 -13.95 47.43
C TYR A 232 -1.44 -14.77 48.34
N TYR A 233 -2.02 -15.83 47.78
CA TYR A 233 -2.94 -16.68 48.52
C TYR A 233 -2.19 -17.66 49.41
N SER A 234 -1.00 -18.06 48.96
CA SER A 234 -0.20 -18.98 49.74
C SER A 234 0.27 -18.28 51.01
N ASN A 235 0.67 -17.03 50.85
CA ASN A 235 1.15 -16.21 51.97
C ASN A 235 0.13 -16.11 53.10
N LEU A 236 -1.15 -16.06 52.74
CA LEU A 236 -2.20 -15.96 53.76
C LEU A 236 -2.22 -17.20 54.64
N LEU A 237 -1.93 -18.35 54.04
CA LEU A 237 -1.92 -19.61 54.79
C LEU A 237 -0.82 -19.63 55.84
N GLN A 238 0.24 -18.86 55.61
CA GLN A 238 1.33 -18.78 56.59
C GLN A 238 1.34 -17.43 57.31
N LEU A 239 0.18 -16.79 57.34
CA LEU A 239 0.00 -15.48 57.99
C LEU A 239 0.96 -14.39 57.53
N ASN A 240 1.31 -14.41 56.24
CA ASN A 240 2.22 -13.41 55.69
C ASN A 240 1.55 -12.35 54.83
N GLY A 241 0.26 -12.13 55.08
CA GLY A 241 -0.49 -11.11 54.36
C GLY A 241 -0.09 -9.76 54.93
N LEU A 242 0.34 -8.84 54.07
CA LEU A 242 0.79 -7.52 54.52
C LEU A 242 -0.29 -6.61 55.10
N LEU A 243 -1.35 -6.37 54.32
CA LEU A 243 -2.41 -5.49 54.78
C LEU A 243 -3.39 -6.22 55.70
N GLN A 244 -4.09 -5.45 56.51
CA GLN A 244 -5.08 -5.98 57.44
C GLN A 244 -6.26 -6.61 56.68
N SER A 245 -6.67 -5.97 55.58
CA SER A 245 -7.79 -6.47 54.79
C SER A 245 -7.42 -7.69 53.94
N ASP A 246 -6.13 -7.98 53.83
CA ASP A 246 -5.67 -9.14 53.07
C ASP A 246 -5.86 -10.40 53.92
N GLN A 247 -5.22 -10.40 55.08
CA GLN A 247 -5.27 -11.52 56.02
C GLN A 247 -6.70 -11.89 56.45
N GLU A 248 -7.53 -10.88 56.68
CA GLU A 248 -8.91 -11.09 57.11
C GLU A 248 -9.68 -12.08 56.22
N LEU A 249 -9.20 -12.29 55.00
CA LEU A 249 -9.88 -13.20 54.08
C LEU A 249 -9.71 -14.64 54.53
N PHE A 250 -8.66 -14.89 55.30
CA PHE A 250 -8.35 -16.23 55.80
C PHE A 250 -8.46 -16.36 57.33
N SER A 251 -8.04 -15.32 58.05
CA SER A 251 -8.06 -15.36 59.51
C SER A 251 -9.30 -14.80 60.21
N THR A 252 -10.45 -14.86 59.54
CA THR A 252 -11.70 -14.38 60.13
C THR A 252 -12.52 -15.61 60.52
N PRO A 253 -12.42 -16.05 61.79
CA PRO A 253 -13.18 -17.23 62.24
C PRO A 253 -14.63 -17.20 61.75
N GLY A 254 -15.02 -18.25 61.04
CA GLY A 254 -16.35 -18.35 60.49
C GLY A 254 -16.10 -18.44 59.00
N ALA A 255 -15.45 -17.42 58.47
CA ALA A 255 -15.07 -17.35 57.07
C ALA A 255 -16.16 -17.12 56.03
N ASP A 256 -16.19 -18.02 55.06
CA ASP A 256 -17.10 -18.01 53.91
C ASP A 256 -16.14 -17.87 52.73
N THR A 257 -15.12 -17.05 52.93
CA THR A 257 -14.10 -16.82 51.91
C THR A 257 -12.91 -17.76 52.05
N ILE A 258 -12.77 -18.40 53.23
CA ILE A 258 -11.66 -19.33 53.46
C ILE A 258 -11.57 -20.44 52.42
N PRO A 259 -12.68 -21.15 52.16
CA PRO A 259 -12.57 -22.22 51.16
C PRO A 259 -12.06 -21.68 49.80
N ILE A 260 -12.45 -20.45 49.45
CA ILE A 260 -12.02 -19.84 48.20
C ILE A 260 -10.52 -19.54 48.20
N VAL A 261 -10.00 -19.04 49.33
CA VAL A 261 -8.57 -18.75 49.43
C VAL A 261 -7.82 -20.07 49.26
N ASN A 262 -8.31 -21.10 49.93
CA ASN A 262 -7.69 -22.41 49.85
C ASN A 262 -7.70 -22.89 48.41
N SER A 263 -8.90 -22.87 47.81
CA SER A 263 -9.07 -23.31 46.44
C SER A 263 -8.02 -22.69 45.53
N PHE A 264 -7.90 -21.36 45.59
CA PHE A 264 -6.96 -20.63 44.77
C PHE A 264 -5.49 -20.98 45.03
N SER A 265 -5.06 -20.91 46.28
CA SER A 265 -3.68 -21.21 46.63
C SER A 265 -3.24 -22.58 46.09
N SER A 266 -4.21 -23.46 45.87
CA SER A 266 -3.93 -24.80 45.37
C SER A 266 -3.70 -24.84 43.87
N ASN A 267 -4.71 -24.43 43.11
CA ASN A 267 -4.63 -24.42 41.65
C ASN A 267 -4.55 -23.01 41.10
N GLN A 268 -3.34 -22.61 40.72
CA GLN A 268 -3.11 -21.28 40.16
C GLN A 268 -3.90 -21.03 38.89
N ASN A 269 -4.06 -22.07 38.08
CA ASN A 269 -4.81 -21.90 36.85
C ASN A 269 -6.24 -21.52 37.24
N THR A 270 -6.75 -22.17 38.26
CA THR A 270 -8.10 -21.88 38.73
C THR A 270 -8.21 -20.40 39.05
N PHE A 271 -7.27 -19.93 39.86
CA PHE A 271 -7.24 -18.53 40.24
C PHE A 271 -7.24 -17.67 38.98
N PHE A 272 -6.29 -17.95 38.09
CA PHE A 272 -6.15 -17.22 36.84
C PHE A 272 -7.44 -17.03 36.07
N SER A 273 -8.25 -18.08 36.00
CA SER A 273 -9.49 -17.99 35.24
C SER A 273 -10.57 -17.10 35.84
N ASN A 274 -10.74 -17.16 37.16
CA ASN A 274 -11.74 -16.33 37.78
C ASN A 274 -11.40 -14.86 37.58
N PHE A 275 -10.09 -14.58 37.55
CA PHE A 275 -9.59 -13.24 37.37
C PHE A 275 -10.07 -12.63 36.07
N ARG A 276 -9.73 -13.28 34.96
CA ARG A 276 -10.12 -12.80 33.64
C ARG A 276 -11.60 -12.40 33.66
N VAL A 277 -12.41 -13.23 34.31
CA VAL A 277 -13.85 -12.99 34.43
C VAL A 277 -14.16 -11.75 35.25
N SER A 278 -13.59 -11.70 36.45
CA SER A 278 -13.79 -10.59 37.39
C SER A 278 -13.35 -9.22 36.85
N MET A 279 -12.25 -9.19 36.10
CA MET A 279 -11.76 -7.94 35.55
C MET A 279 -12.71 -7.38 34.50
N ILE A 280 -13.35 -8.26 33.74
CA ILE A 280 -14.30 -7.85 32.71
C ILE A 280 -15.51 -7.24 33.39
N LYS A 281 -16.02 -7.92 34.40
CA LYS A 281 -17.18 -7.47 35.15
C LYS A 281 -16.95 -6.06 35.71
N MET A 282 -15.78 -5.84 36.31
CA MET A 282 -15.45 -4.54 36.87
C MET A 282 -15.35 -3.46 35.80
N GLY A 283 -14.84 -3.84 34.62
CA GLY A 283 -14.68 -2.90 33.54
C GLY A 283 -15.99 -2.53 32.86
N ASN A 284 -17.11 -2.88 33.49
CA ASN A 284 -18.43 -2.59 32.96
C ASN A 284 -19.26 -1.64 33.82
N ILE A 285 -18.71 -1.28 34.98
CA ILE A 285 -19.39 -0.38 35.93
C ILE A 285 -19.62 1.06 35.42
N GLY A 286 -20.85 1.53 35.55
CA GLY A 286 -21.23 2.87 35.14
C GLY A 286 -20.63 3.40 33.84
N VAL A 287 -20.58 2.55 32.83
CA VAL A 287 -20.03 2.91 31.53
C VAL A 287 -20.87 3.92 30.69
N LEU A 288 -20.18 4.71 29.88
CA LEU A 288 -20.82 5.70 28.98
C LEU A 288 -20.58 5.23 27.55
N THR A 289 -21.64 4.98 26.81
CA THR A 289 -21.53 4.49 25.44
C THR A 289 -22.33 5.28 24.41
N GLY A 290 -22.25 4.82 23.15
CA GLY A 290 -22.97 5.44 22.06
C GLY A 290 -22.60 6.89 21.76
N ASP A 291 -23.42 7.82 22.25
CA ASP A 291 -23.19 9.25 22.04
C ASP A 291 -22.98 9.97 23.37
N GLU A 292 -22.99 9.21 24.46
CA GLU A 292 -22.81 9.78 25.80
C GLU A 292 -21.38 10.24 26.02
N GLY A 293 -21.22 11.28 26.81
CA GLY A 293 -19.88 11.80 27.09
C GLY A 293 -19.16 12.31 25.86
N GLU A 294 -17.84 12.16 25.84
CA GLU A 294 -17.03 12.62 24.72
C GLU A 294 -15.76 11.81 24.53
N ILE A 295 -14.85 12.34 23.70
CA ILE A 295 -13.55 11.72 23.44
C ILE A 295 -12.57 12.82 23.81
N ARG A 296 -12.01 12.72 25.01
CA ARG A 296 -11.05 13.71 25.51
C ARG A 296 -9.80 13.75 24.62
N LEU A 297 -9.30 14.94 24.31
CA LEU A 297 -8.11 15.06 23.48
C LEU A 297 -6.88 14.98 24.36
N GLN A 298 -7.03 15.47 25.59
CA GLN A 298 -5.97 15.47 26.60
C GLN A 298 -6.63 14.89 27.85
N CYS A 299 -6.07 13.81 28.39
CA CYS A 299 -6.68 13.15 29.53
C CYS A 299 -6.74 13.88 30.89
N ASN A 300 -6.02 14.99 31.04
CA ASN A 300 -6.05 15.73 32.30
C ASN A 300 -7.09 16.85 32.35
N PHE A 301 -7.57 17.30 31.18
CA PHE A 301 -8.57 18.37 31.09
C PHE A 301 -9.71 18.07 30.12
N VAL A 302 -10.89 18.61 30.41
CA VAL A 302 -12.06 18.40 29.54
C VAL A 302 -11.86 19.22 28.26
N ASN A 303 -12.46 18.77 27.16
CA ASN A 303 -12.30 19.48 25.89
C ASN A 303 -12.67 20.96 25.97
N GLY A 304 -11.64 21.80 26.01
CA GLY A 304 -11.84 23.25 26.09
C GLY A 304 -11.85 23.79 27.51
N GLN B 1 -36.28 -29.20 -10.48
CA GLN B 1 -37.13 -28.03 -10.88
C GLN B 1 -36.62 -26.70 -10.32
N LEU B 2 -35.85 -25.98 -11.13
CA LEU B 2 -35.27 -24.70 -10.76
C LEU B 2 -36.21 -23.76 -10.02
N THR B 3 -35.75 -23.24 -8.89
CA THR B 3 -36.52 -22.31 -8.06
C THR B 3 -35.71 -21.10 -7.67
N PRO B 4 -36.32 -19.90 -7.67
CA PRO B 4 -35.56 -18.70 -7.31
C PRO B 4 -35.13 -18.60 -5.84
N THR B 5 -35.69 -19.44 -4.99
CA THR B 5 -35.32 -19.40 -3.57
C THR B 5 -34.56 -20.66 -3.14
N PHE B 6 -34.04 -21.37 -4.13
CA PHE B 6 -33.28 -22.59 -3.89
C PHE B 6 -32.23 -22.45 -2.77
N TYR B 7 -31.81 -21.22 -2.48
CA TYR B 7 -30.81 -21.02 -1.45
C TYR B 7 -31.31 -20.23 -0.23
N ARG B 8 -32.62 -19.97 -0.17
CA ARG B 8 -33.21 -19.22 0.93
C ARG B 8 -32.58 -19.55 2.29
N GLU B 9 -32.39 -20.83 2.57
CA GLU B 9 -31.80 -21.28 3.82
C GLU B 9 -30.30 -21.53 3.64
N THR B 10 -29.97 -22.25 2.58
CA THR B 10 -28.60 -22.63 2.23
C THR B 10 -27.56 -21.51 2.14
N CYS B 11 -27.90 -20.45 1.40
CA CYS B 11 -26.98 -19.32 1.24
C CYS B 11 -27.80 -18.03 1.27
N PRO B 12 -28.31 -17.67 2.46
CA PRO B 12 -29.13 -16.50 2.75
C PRO B 12 -28.80 -15.25 1.95
N ASN B 13 -27.59 -14.73 2.12
CA ASN B 13 -27.21 -13.52 1.39
C ASN B 13 -26.33 -13.81 0.18
N LEU B 14 -26.80 -14.70 -0.68
CA LEU B 14 -26.04 -15.04 -1.88
C LEU B 14 -25.98 -13.81 -2.79
N PHE B 15 -27.15 -13.34 -3.22
CA PHE B 15 -27.24 -12.18 -4.10
C PHE B 15 -26.41 -10.98 -3.61
N PRO B 16 -26.64 -10.52 -2.37
CA PRO B 16 -25.85 -9.38 -1.91
C PRO B 16 -24.34 -9.53 -2.17
N ILE B 17 -23.80 -10.71 -1.91
CA ILE B 17 -22.37 -10.95 -2.10
C ILE B 17 -21.93 -10.76 -3.55
N VAL B 18 -22.50 -11.53 -4.46
CA VAL B 18 -22.14 -11.42 -5.88
C VAL B 18 -22.44 -10.02 -6.43
N PHE B 19 -23.51 -9.37 -5.99
CA PHE B 19 -23.83 -8.03 -6.48
C PHE B 19 -22.67 -7.10 -6.14
N GLY B 20 -22.21 -7.19 -4.89
CA GLY B 20 -21.11 -6.34 -4.46
C GLY B 20 -19.86 -6.56 -5.31
N VAL B 21 -19.52 -7.82 -5.54
CA VAL B 21 -18.35 -8.13 -6.34
C VAL B 21 -18.39 -7.46 -7.71
N ILE B 22 -19.44 -7.73 -8.47
CA ILE B 22 -19.58 -7.17 -9.82
C ILE B 22 -19.59 -5.64 -9.82
N PHE B 23 -20.14 -5.04 -8.76
CA PHE B 23 -20.20 -3.58 -8.64
C PHE B 23 -18.80 -2.96 -8.49
N ASP B 24 -17.98 -3.51 -7.60
CA ASP B 24 -16.63 -2.96 -7.41
C ASP B 24 -15.74 -3.21 -8.64
N ALA B 25 -15.99 -4.34 -9.30
CA ALA B 25 -15.22 -4.72 -10.47
C ALA B 25 -15.51 -3.81 -11.65
N SER B 26 -16.45 -2.89 -11.48
CA SER B 26 -16.82 -1.96 -12.54
C SER B 26 -16.24 -0.57 -12.29
N PHE B 27 -15.71 -0.35 -11.08
CA PHE B 27 -15.13 0.94 -10.75
C PHE B 27 -14.05 1.26 -11.76
N THR B 28 -13.42 0.22 -12.30
CA THR B 28 -12.34 0.39 -13.26
C THR B 28 -12.61 -0.20 -14.64
N ASP B 29 -13.75 -0.88 -14.81
CA ASP B 29 -14.08 -1.47 -16.11
C ASP B 29 -15.57 -1.44 -16.42
N PRO B 30 -16.02 -0.41 -17.17
CA PRO B 30 -17.42 -0.24 -17.55
C PRO B 30 -17.86 -1.19 -18.64
N ARG B 31 -17.20 -2.34 -18.73
CA ARG B 31 -17.53 -3.31 -19.76
C ARG B 31 -17.74 -4.71 -19.20
N ILE B 32 -17.26 -4.92 -17.98
CA ILE B 32 -17.38 -6.22 -17.34
C ILE B 32 -18.81 -6.75 -17.30
N GLY B 33 -19.79 -5.85 -17.28
CA GLY B 33 -21.18 -6.26 -17.26
C GLY B 33 -21.56 -6.98 -18.54
N ALA B 34 -21.35 -6.32 -19.68
CA ALA B 34 -21.66 -6.94 -20.97
C ALA B 34 -20.88 -8.23 -21.14
N SER B 35 -19.60 -8.20 -20.75
CA SER B 35 -18.75 -9.38 -20.86
C SER B 35 -19.31 -10.59 -20.09
N LEU B 36 -19.78 -10.35 -18.87
CA LEU B 36 -20.33 -11.42 -18.04
C LEU B 36 -21.59 -12.02 -18.65
N MET B 37 -22.48 -11.19 -19.19
CA MET B 37 -23.72 -11.67 -19.80
C MET B 37 -23.42 -12.62 -20.96
N ARG B 38 -22.66 -12.12 -21.94
CA ARG B 38 -22.30 -12.91 -23.12
C ARG B 38 -21.65 -14.23 -22.71
N LEU B 39 -21.06 -14.25 -21.52
CA LEU B 39 -20.39 -15.44 -21.01
C LEU B 39 -21.44 -16.51 -20.70
N HIS B 40 -22.55 -16.09 -20.08
CA HIS B 40 -23.65 -16.98 -19.72
C HIS B 40 -24.27 -17.54 -21.00
N PHE B 41 -24.23 -16.74 -22.06
CA PHE B 41 -24.77 -17.12 -23.35
C PHE B 41 -23.95 -18.25 -23.96
N HIS B 42 -22.63 -18.11 -23.93
CA HIS B 42 -21.77 -19.12 -24.51
C HIS B 42 -21.76 -20.42 -23.73
N ASP B 43 -22.29 -20.37 -22.51
CA ASP B 43 -22.32 -21.58 -21.73
C ASP B 43 -23.51 -22.41 -22.17
N CYS B 44 -24.70 -21.82 -22.06
CA CYS B 44 -25.94 -22.48 -22.42
C CYS B 44 -26.01 -23.17 -23.80
N PHE B 45 -25.56 -22.49 -24.86
CA PHE B 45 -25.61 -23.07 -26.20
C PHE B 45 -24.71 -24.29 -26.45
N VAL B 46 -23.79 -24.61 -25.54
CA VAL B 46 -22.92 -25.78 -25.73
C VAL B 46 -23.01 -26.73 -24.55
N GLN B 47 -23.62 -27.90 -24.79
CA GLN B 47 -23.79 -28.93 -23.78
C GLN B 47 -24.81 -28.53 -22.70
N GLY B 48 -25.16 -27.24 -22.63
CA GLY B 48 -26.12 -26.77 -21.67
C GLY B 48 -25.56 -25.74 -20.71
N CYS B 49 -26.44 -25.02 -20.00
CA CYS B 49 -25.99 -24.03 -19.04
C CYS B 49 -25.43 -24.83 -17.84
N ASP B 50 -24.20 -25.33 -17.99
CA ASP B 50 -23.57 -26.15 -16.95
C ASP B 50 -22.14 -25.74 -16.62
N GLY B 51 -21.81 -24.49 -16.89
CA GLY B 51 -20.46 -23.99 -16.60
C GLY B 51 -19.34 -24.66 -17.38
N SER B 52 -19.67 -25.68 -18.17
CA SER B 52 -18.68 -26.42 -18.94
C SER B 52 -17.63 -25.57 -19.67
N VAL B 53 -17.97 -24.32 -19.93
CA VAL B 53 -17.08 -23.42 -20.66
C VAL B 53 -15.96 -22.81 -19.85
N LEU B 54 -16.10 -22.82 -18.53
CA LEU B 54 -15.08 -22.25 -17.64
C LEU B 54 -13.94 -23.20 -17.33
N LEU B 55 -14.04 -24.45 -17.79
CA LEU B 55 -13.00 -25.44 -17.55
C LEU B 55 -11.75 -25.20 -18.42
N ASN B 56 -10.57 -25.24 -17.79
CA ASN B 56 -9.29 -25.03 -18.48
C ASN B 56 -8.74 -26.33 -19.03
N ASN B 57 -7.64 -26.23 -19.79
CA ASN B 57 -7.02 -27.41 -20.36
C ASN B 57 -6.35 -28.37 -19.36
N THR B 58 -6.73 -29.64 -19.44
CA THR B 58 -6.21 -30.70 -18.58
C THR B 58 -5.74 -31.83 -19.47
N ASP B 59 -5.08 -32.82 -18.87
CA ASP B 59 -4.61 -33.99 -19.59
C ASP B 59 -5.85 -34.73 -20.03
N THR B 60 -6.94 -34.45 -19.33
CA THR B 60 -8.21 -35.09 -19.61
C THR B 60 -9.26 -34.23 -20.31
N ILE B 61 -9.08 -32.90 -20.33
CA ILE B 61 -10.05 -32.02 -21.00
C ILE B 61 -9.44 -30.99 -21.99
N GLU B 62 -10.11 -30.81 -23.14
CA GLU B 62 -9.68 -29.84 -24.15
C GLU B 62 -10.65 -28.66 -24.18
N SER B 63 -10.35 -27.63 -23.40
CA SER B 63 -11.20 -26.45 -23.27
C SER B 63 -11.91 -25.86 -24.49
N GLU B 64 -13.17 -25.50 -24.30
CA GLU B 64 -13.99 -24.89 -25.34
C GLU B 64 -13.42 -23.50 -25.62
N GLN B 65 -12.70 -22.97 -24.64
CA GLN B 65 -12.09 -21.65 -24.71
C GLN B 65 -11.17 -21.50 -25.92
N ASP B 66 -10.92 -22.61 -26.61
CA ASP B 66 -10.04 -22.61 -27.79
C ASP B 66 -10.81 -22.83 -29.09
N ALA B 67 -12.13 -22.83 -29.03
CA ALA B 67 -12.93 -23.00 -30.23
C ALA B 67 -12.90 -21.69 -30.99
N LEU B 68 -13.20 -21.76 -32.29
CA LEU B 68 -13.21 -20.58 -33.15
C LEU B 68 -13.92 -19.34 -32.57
N PRO B 69 -15.15 -19.50 -32.06
CA PRO B 69 -15.87 -18.35 -31.51
C PRO B 69 -15.44 -17.88 -30.11
N ASN B 70 -14.65 -18.69 -29.41
CA ASN B 70 -14.20 -18.35 -28.04
C ASN B 70 -12.79 -17.77 -28.01
N ILE B 71 -11.91 -18.34 -28.81
CA ILE B 71 -10.51 -17.93 -28.87
C ILE B 71 -10.34 -16.42 -29.07
N ASN B 72 -9.48 -15.81 -28.27
CA ASN B 72 -9.21 -14.38 -28.35
C ASN B 72 -10.45 -13.50 -28.35
N SER B 73 -11.53 -13.95 -27.72
CA SER B 73 -12.76 -13.16 -27.70
C SER B 73 -13.45 -13.02 -26.33
N ILE B 74 -13.92 -14.12 -25.75
CA ILE B 74 -14.58 -14.03 -24.44
C ILE B 74 -13.61 -13.59 -23.33
N ARG B 75 -14.13 -12.97 -22.27
CA ARG B 75 -13.27 -12.49 -21.17
C ARG B 75 -13.99 -12.34 -19.84
N GLY B 76 -13.23 -12.25 -18.76
CA GLY B 76 -13.83 -12.07 -17.44
C GLY B 76 -13.92 -13.29 -16.54
N LEU B 77 -13.22 -14.37 -16.90
CA LEU B 77 -13.24 -15.57 -16.09
C LEU B 77 -12.56 -15.29 -14.75
N ASP B 78 -11.83 -14.19 -14.72
CA ASP B 78 -11.08 -13.72 -13.56
C ASP B 78 -12.03 -13.12 -12.52
N VAL B 79 -12.93 -12.27 -12.97
CA VAL B 79 -13.89 -11.65 -12.07
C VAL B 79 -14.84 -12.75 -11.63
N VAL B 80 -15.02 -13.75 -12.50
CA VAL B 80 -15.89 -14.89 -12.22
C VAL B 80 -15.36 -15.68 -11.02
N ASN B 81 -14.06 -15.91 -10.98
CA ASN B 81 -13.47 -16.66 -9.87
C ASN B 81 -13.51 -15.87 -8.55
N ASP B 82 -13.44 -14.55 -8.64
CA ASP B 82 -13.49 -13.70 -7.44
C ASP B 82 -14.83 -13.84 -6.75
N ILE B 83 -15.87 -14.06 -7.56
CA ILE B 83 -17.22 -14.23 -7.05
C ILE B 83 -17.27 -15.54 -6.25
N LYS B 84 -16.80 -16.61 -6.88
CA LYS B 84 -16.75 -17.94 -6.25
C LYS B 84 -16.04 -17.91 -4.92
N THR B 85 -14.86 -17.28 -4.90
CA THR B 85 -14.03 -17.15 -3.70
C THR B 85 -14.77 -16.49 -2.54
N ALA B 86 -15.48 -15.40 -2.82
CA ALA B 86 -16.23 -14.66 -1.82
C ALA B 86 -17.51 -15.38 -1.39
N VAL B 87 -18.13 -16.11 -2.31
CA VAL B 87 -19.33 -16.88 -2.03
C VAL B 87 -18.98 -18.05 -1.12
N GLU B 88 -17.85 -18.70 -1.41
CA GLU B 88 -17.33 -19.84 -0.64
C GLU B 88 -17.03 -19.45 0.81
N ASN B 89 -16.47 -18.26 1.00
CA ASN B 89 -16.15 -17.79 2.34
C ASN B 89 -17.41 -17.66 3.20
N SER B 90 -18.57 -17.80 2.57
CA SER B 90 -19.84 -17.70 3.29
C SER B 90 -20.62 -19.01 3.27
N CYS B 91 -20.77 -19.58 2.08
CA CYS B 91 -21.50 -20.83 1.89
C CYS B 91 -20.60 -21.94 1.36
N PRO B 92 -19.67 -22.42 2.20
CA PRO B 92 -18.73 -23.48 1.82
C PRO B 92 -19.37 -24.56 0.94
N ASP B 93 -18.80 -24.72 -0.26
CA ASP B 93 -19.26 -25.66 -1.28
C ASP B 93 -20.76 -25.99 -1.30
N THR B 94 -21.57 -24.99 -1.67
CA THR B 94 -23.02 -25.18 -1.79
C THR B 94 -23.58 -24.54 -3.05
N VAL B 95 -22.97 -23.44 -3.52
CA VAL B 95 -23.44 -22.78 -4.74
C VAL B 95 -22.57 -23.13 -5.96
N SER B 96 -23.22 -23.46 -7.08
CA SER B 96 -22.53 -23.86 -8.31
C SER B 96 -22.05 -22.70 -9.17
N CYS B 97 -21.04 -22.98 -9.99
CA CYS B 97 -20.50 -21.98 -10.90
C CYS B 97 -21.58 -21.66 -11.92
N ALA B 98 -22.23 -22.71 -12.45
CA ALA B 98 -23.28 -22.56 -13.44
C ALA B 98 -24.23 -21.46 -13.02
N ASP B 99 -24.81 -21.58 -11.82
CA ASP B 99 -25.76 -20.59 -11.34
C ASP B 99 -25.15 -19.19 -11.25
N ILE B 100 -23.90 -19.11 -10.80
CA ILE B 100 -23.22 -17.83 -10.69
C ILE B 100 -23.23 -17.05 -12.02
N LEU B 101 -23.03 -17.74 -13.13
CA LEU B 101 -23.05 -17.06 -14.41
C LEU B 101 -24.44 -16.52 -14.71
N ALA B 102 -25.47 -17.29 -14.37
CA ALA B 102 -26.85 -16.89 -14.61
C ALA B 102 -27.24 -15.67 -13.78
N ILE B 103 -26.69 -15.59 -12.56
CA ILE B 103 -27.00 -14.47 -11.68
C ILE B 103 -26.25 -13.22 -12.16
N ALA B 104 -25.08 -13.41 -12.72
CA ALA B 104 -24.29 -12.31 -13.23
C ALA B 104 -25.01 -11.59 -14.38
N ALA B 105 -25.54 -12.36 -15.33
CA ALA B 105 -26.24 -11.80 -16.48
C ALA B 105 -27.41 -10.90 -16.08
N GLU B 106 -28.18 -11.30 -15.07
CA GLU B 106 -29.32 -10.51 -14.61
C GLU B 106 -28.80 -9.24 -13.93
N ILE B 107 -27.83 -9.41 -13.02
CA ILE B 107 -27.27 -8.25 -12.31
C ILE B 107 -26.71 -7.24 -13.32
N ALA B 108 -26.04 -7.73 -14.35
CA ALA B 108 -25.46 -6.87 -15.39
C ALA B 108 -26.51 -5.93 -15.97
N SER B 109 -27.67 -6.49 -16.33
CA SER B 109 -28.77 -5.71 -16.90
C SER B 109 -29.19 -4.60 -15.94
N VAL B 110 -29.49 -4.99 -14.71
CA VAL B 110 -29.91 -4.03 -13.70
C VAL B 110 -28.87 -2.94 -13.51
N LEU B 111 -27.62 -3.34 -13.45
CA LEU B 111 -26.50 -2.43 -13.26
C LEU B 111 -26.24 -1.53 -14.47
N GLY B 112 -26.95 -1.76 -15.56
CA GLY B 112 -26.75 -0.95 -16.76
C GLY B 112 -27.99 -0.16 -17.18
N GLY B 113 -29.00 -0.15 -16.31
CA GLY B 113 -30.23 0.55 -16.60
C GLY B 113 -31.34 -0.37 -17.06
N GLY B 114 -30.99 -1.57 -17.52
CA GLY B 114 -32.00 -2.49 -18.01
C GLY B 114 -32.93 -3.03 -16.94
N PRO B 115 -33.87 -3.94 -17.28
CA PRO B 115 -34.84 -4.53 -16.35
C PRO B 115 -34.25 -5.68 -15.52
N GLY B 116 -34.98 -6.06 -14.46
CA GLY B 116 -34.56 -7.14 -13.60
C GLY B 116 -35.62 -8.24 -13.58
N TRP B 117 -35.31 -9.36 -12.92
CA TRP B 117 -36.25 -10.47 -12.81
C TRP B 117 -35.73 -11.53 -11.81
N PRO B 118 -36.64 -12.31 -11.20
CA PRO B 118 -36.25 -13.35 -10.23
C PRO B 118 -35.56 -14.52 -10.94
N VAL B 119 -34.30 -14.73 -10.64
CA VAL B 119 -33.55 -15.79 -11.29
C VAL B 119 -33.78 -17.16 -10.68
N PRO B 120 -34.33 -18.10 -11.46
CA PRO B 120 -34.56 -19.46 -10.93
C PRO B 120 -33.20 -20.13 -10.80
N LEU B 121 -32.94 -20.73 -9.65
CA LEU B 121 -31.65 -21.35 -9.43
C LEU B 121 -31.71 -22.82 -9.03
N GLY B 122 -30.53 -23.44 -8.91
CA GLY B 122 -30.46 -24.84 -8.53
C GLY B 122 -29.75 -25.78 -9.50
N ARG B 123 -29.04 -25.23 -10.49
CA ARG B 123 -28.34 -26.05 -11.47
C ARG B 123 -27.06 -26.62 -10.85
N ARG B 124 -26.49 -27.63 -11.51
CA ARG B 124 -25.25 -28.25 -11.03
C ARG B 124 -24.22 -28.28 -12.14
N ASP B 125 -22.94 -28.16 -11.76
CA ASP B 125 -21.80 -28.16 -12.69
C ASP B 125 -21.59 -29.50 -13.41
N SER B 126 -20.89 -29.44 -14.55
CA SER B 126 -20.61 -30.65 -15.33
C SER B 126 -19.24 -31.24 -14.99
N LEU B 127 -18.87 -32.28 -15.73
CA LEU B 127 -17.60 -32.96 -15.53
C LEU B 127 -16.88 -33.13 -16.86
N THR B 128 -17.47 -32.57 -17.91
CA THR B 128 -16.91 -32.67 -19.25
C THR B 128 -16.99 -31.35 -20.00
N ALA B 129 -16.47 -31.35 -21.22
CA ALA B 129 -16.48 -30.18 -22.09
C ALA B 129 -16.54 -30.67 -23.54
N ASN B 130 -16.94 -29.80 -24.45
CA ASN B 130 -17.00 -30.16 -25.86
C ASN B 130 -16.59 -29.04 -26.79
N ARG B 131 -15.33 -29.04 -27.20
CA ARG B 131 -14.81 -28.02 -28.08
C ARG B 131 -15.47 -28.04 -29.48
N THR B 132 -15.47 -29.18 -30.15
CA THR B 132 -16.07 -29.25 -31.49
C THR B 132 -17.51 -28.78 -31.47
N LEU B 133 -18.26 -29.22 -30.47
CA LEU B 133 -19.66 -28.83 -30.33
C LEU B 133 -19.74 -27.30 -30.34
N ALA B 134 -18.85 -26.67 -29.58
CA ALA B 134 -18.80 -25.22 -29.51
C ALA B 134 -18.78 -24.60 -30.92
N ASN B 135 -17.88 -25.09 -31.78
CA ASN B 135 -17.77 -24.57 -33.14
C ASN B 135 -19.04 -24.73 -33.96
N GLN B 136 -19.75 -25.83 -33.72
CA GLN B 136 -20.96 -26.09 -34.49
C GLN B 136 -22.26 -25.65 -33.84
N ASN B 137 -22.20 -24.95 -32.72
CA ASN B 137 -23.41 -24.50 -32.05
C ASN B 137 -23.58 -22.99 -31.91
N LEU B 138 -22.48 -22.26 -31.82
CA LEU B 138 -22.56 -20.80 -31.70
C LEU B 138 -22.61 -20.13 -33.07
N PRO B 139 -23.66 -19.31 -33.32
CA PRO B 139 -23.81 -18.63 -34.60
C PRO B 139 -22.67 -17.66 -34.90
N ALA B 140 -22.33 -17.54 -36.18
CA ALA B 140 -21.28 -16.64 -36.64
C ALA B 140 -21.94 -15.39 -37.23
N PRO B 141 -21.24 -14.25 -37.18
CA PRO B 141 -21.77 -12.99 -37.72
C PRO B 141 -22.01 -12.93 -39.24
N PHE B 142 -21.37 -13.81 -40.01
CA PHE B 142 -21.57 -13.80 -41.45
C PHE B 142 -22.74 -14.71 -41.88
N PHE B 143 -23.55 -15.11 -40.91
CA PHE B 143 -24.70 -15.95 -41.19
C PHE B 143 -25.85 -15.13 -41.74
N ASN B 144 -26.67 -15.74 -42.58
CA ASN B 144 -27.83 -15.04 -43.12
C ASN B 144 -29.00 -15.34 -42.17
N LEU B 145 -30.14 -14.67 -42.39
CA LEU B 145 -31.30 -14.88 -41.52
C LEU B 145 -31.67 -16.34 -41.39
N THR B 146 -31.80 -17.03 -42.52
CA THR B 146 -32.17 -18.43 -42.51
C THR B 146 -31.27 -19.22 -41.56
N GLN B 147 -29.96 -19.02 -41.69
CA GLN B 147 -28.99 -19.70 -40.86
C GLN B 147 -29.14 -19.36 -39.39
N LEU B 148 -29.32 -18.09 -39.09
CA LEU B 148 -29.48 -17.65 -37.71
C LEU B 148 -30.67 -18.37 -37.05
N LYS B 149 -31.83 -18.27 -37.70
CA LYS B 149 -33.05 -18.90 -37.21
C LYS B 149 -32.85 -20.39 -36.89
N ALA B 150 -32.16 -21.09 -37.78
CA ALA B 150 -31.92 -22.51 -37.60
C ALA B 150 -31.05 -22.81 -36.39
N SER B 151 -30.05 -21.97 -36.16
CA SER B 151 -29.16 -22.16 -35.02
C SER B 151 -29.92 -22.02 -33.72
N PHE B 152 -30.86 -21.07 -33.66
CA PHE B 152 -31.64 -20.89 -32.45
C PHE B 152 -32.64 -22.04 -32.24
N ALA B 153 -33.13 -22.61 -33.33
CA ALA B 153 -34.08 -23.71 -33.23
C ALA B 153 -33.41 -24.92 -32.56
N VAL B 154 -32.16 -25.19 -32.90
CA VAL B 154 -31.45 -26.31 -32.30
C VAL B 154 -31.53 -26.24 -30.78
N GLN B 155 -31.54 -25.01 -30.26
CA GLN B 155 -31.60 -24.76 -28.81
C GLN B 155 -33.02 -24.72 -28.26
N GLY B 156 -34.01 -24.72 -29.14
CA GLY B 156 -35.37 -24.66 -28.69
C GLY B 156 -35.86 -23.23 -28.51
N LEU B 157 -35.30 -22.32 -29.30
CA LEU B 157 -35.69 -20.90 -29.24
C LEU B 157 -36.29 -20.50 -30.59
N ASN B 158 -37.30 -19.65 -30.56
CA ASN B 158 -37.99 -19.22 -31.76
C ASN B 158 -37.51 -17.92 -32.38
N THR B 159 -38.21 -17.49 -33.41
CA THR B 159 -37.89 -16.26 -34.11
C THR B 159 -37.94 -15.06 -33.17
N LEU B 160 -39.00 -14.95 -32.38
CA LEU B 160 -39.12 -13.84 -31.44
C LEU B 160 -37.91 -13.88 -30.51
N ASP B 161 -37.64 -15.06 -29.97
CA ASP B 161 -36.51 -15.27 -29.08
C ASP B 161 -35.22 -14.75 -29.72
N LEU B 162 -35.01 -15.04 -31.00
CA LEU B 162 -33.81 -14.59 -31.70
C LEU B 162 -33.69 -13.05 -31.72
N VAL B 163 -34.72 -12.37 -32.23
CA VAL B 163 -34.69 -10.92 -32.31
C VAL B 163 -34.62 -10.25 -30.93
N THR B 164 -35.18 -10.91 -29.91
CA THR B 164 -35.19 -10.36 -28.56
C THR B 164 -33.83 -10.38 -27.85
N LEU B 165 -33.11 -11.48 -27.98
CA LEU B 165 -31.80 -11.61 -27.34
C LEU B 165 -30.68 -10.84 -28.08
N SER B 166 -30.96 -10.43 -29.32
CA SER B 166 -29.98 -9.68 -30.10
C SER B 166 -29.84 -8.30 -29.48
N GLY B 167 -30.82 -7.96 -28.64
CA GLY B 167 -30.80 -6.68 -27.96
C GLY B 167 -29.59 -6.62 -27.02
N GLY B 168 -29.06 -7.79 -26.69
CA GLY B 168 -27.89 -7.84 -25.82
C GLY B 168 -26.79 -6.96 -26.41
N HIS B 169 -26.83 -6.75 -27.72
CA HIS B 169 -25.85 -5.93 -28.41
C HIS B 169 -26.08 -4.45 -28.21
N THR B 170 -26.95 -4.09 -27.28
CA THR B 170 -27.19 -2.67 -27.00
C THR B 170 -26.00 -2.08 -26.22
N PHE B 171 -25.05 -2.93 -25.86
CA PHE B 171 -23.84 -2.50 -25.16
C PHE B 171 -22.70 -3.52 -25.39
N GLY B 172 -21.47 -3.18 -25.03
CA GLY B 172 -20.36 -4.09 -25.25
C GLY B 172 -19.47 -3.73 -26.44
N ARG B 173 -18.43 -4.53 -26.66
CA ARG B 173 -17.47 -4.29 -27.75
C ARG B 173 -17.39 -5.40 -28.82
N ALA B 174 -16.67 -5.10 -29.91
CA ALA B 174 -16.45 -6.02 -31.03
C ALA B 174 -15.25 -5.57 -31.88
N ARG B 175 -14.35 -6.49 -32.21
CA ARG B 175 -13.16 -6.17 -32.98
C ARG B 175 -13.40 -5.97 -34.48
N CYS B 176 -12.61 -5.08 -35.08
CA CYS B 176 -12.71 -4.75 -36.51
C CYS B 176 -12.97 -5.94 -37.45
N SER B 177 -12.14 -6.97 -37.33
CA SER B 177 -12.25 -8.14 -38.19
C SER B 177 -13.62 -8.78 -38.25
N THR B 178 -14.40 -8.66 -37.17
CA THR B 178 -15.73 -9.26 -37.14
C THR B 178 -16.73 -8.64 -38.08
N PHE B 179 -16.42 -7.45 -38.62
CA PHE B 179 -17.36 -6.77 -39.53
C PHE B 179 -16.71 -6.08 -40.71
N ILE B 180 -15.38 -6.00 -40.68
CA ILE B 180 -14.63 -5.32 -41.72
C ILE B 180 -14.97 -5.74 -43.15
N ASN B 181 -15.39 -6.97 -43.37
CA ASN B 181 -15.71 -7.41 -44.73
C ASN B 181 -16.77 -6.55 -45.42
N ARG B 182 -17.58 -5.81 -44.66
CA ARG B 182 -18.60 -4.98 -45.29
C ARG B 182 -18.20 -3.50 -45.39
N LEU B 183 -16.91 -3.26 -45.16
CA LEU B 183 -16.32 -1.91 -45.22
C LEU B 183 -15.61 -1.62 -46.56
N TYR B 184 -15.05 -2.66 -47.19
CA TYR B 184 -14.34 -2.50 -48.46
C TYR B 184 -14.76 -3.49 -49.57
N ASN B 185 -14.73 -4.79 -49.27
CA ASN B 185 -15.10 -5.76 -50.30
C ASN B 185 -16.14 -6.81 -49.86
N PHE B 186 -17.41 -6.46 -50.02
CA PHE B 186 -18.53 -7.33 -49.65
C PHE B 186 -18.91 -8.25 -50.81
N SER B 187 -19.06 -9.55 -50.55
CA SER B 187 -19.44 -10.54 -51.57
C SER B 187 -18.56 -10.56 -52.81
N ASN B 188 -17.30 -10.14 -52.66
CA ASN B 188 -16.34 -10.11 -53.76
C ASN B 188 -16.72 -9.06 -54.80
N THR B 189 -17.63 -8.15 -54.43
CA THR B 189 -18.11 -7.09 -55.31
C THR B 189 -17.17 -5.90 -55.39
N GLY B 190 -16.24 -5.80 -54.45
CA GLY B 190 -15.30 -4.71 -54.42
C GLY B 190 -15.90 -3.48 -53.77
N ASN B 191 -17.18 -3.56 -53.42
CA ASN B 191 -17.89 -2.44 -52.81
C ASN B 191 -18.51 -2.75 -51.46
N PRO B 192 -18.64 -1.73 -50.58
CA PRO B 192 -19.22 -1.85 -49.23
C PRO B 192 -20.63 -2.44 -49.24
N ASP B 193 -21.01 -3.07 -48.14
CA ASP B 193 -22.35 -3.64 -48.01
C ASP B 193 -23.34 -2.48 -48.19
N PRO B 194 -24.23 -2.58 -49.20
CA PRO B 194 -25.21 -1.54 -49.46
C PRO B 194 -26.22 -1.26 -48.34
N THR B 195 -26.15 -2.00 -47.25
CA THR B 195 -27.09 -1.80 -46.16
C THR B 195 -26.47 -1.13 -44.93
N LEU B 196 -25.29 -0.56 -45.10
CA LEU B 196 -24.60 0.14 -44.02
C LEU B 196 -24.62 1.65 -44.27
N ASN B 197 -25.08 2.40 -43.27
CA ASN B 197 -25.14 3.86 -43.32
C ASN B 197 -23.81 4.40 -43.87
N THR B 198 -23.89 5.29 -44.86
CA THR B 198 -22.68 5.84 -45.49
C THR B 198 -21.85 6.73 -44.55
N THR B 199 -22.53 7.44 -43.65
CA THR B 199 -21.83 8.31 -42.73
C THR B 199 -21.03 7.45 -41.76
N TYR B 200 -21.69 6.44 -41.21
CA TYR B 200 -21.09 5.51 -40.28
C TYR B 200 -19.98 4.77 -41.03
N LEU B 201 -20.23 4.45 -42.31
CA LEU B 201 -19.25 3.75 -43.14
C LEU B 201 -17.90 4.47 -43.17
N GLU B 202 -17.92 5.77 -42.90
CA GLU B 202 -16.70 6.56 -42.89
C GLU B 202 -16.04 6.46 -41.53
N VAL B 203 -16.79 6.82 -40.49
CA VAL B 203 -16.25 6.76 -39.14
C VAL B 203 -15.59 5.40 -38.93
N LEU B 204 -16.25 4.36 -39.44
CA LEU B 204 -15.76 2.99 -39.31
C LEU B 204 -14.47 2.73 -40.09
N ARG B 205 -14.38 3.24 -41.32
CA ARG B 205 -13.16 3.04 -42.12
C ARG B 205 -12.00 3.74 -41.41
N ALA B 206 -12.35 4.73 -40.59
CA ALA B 206 -11.37 5.47 -39.83
C ALA B 206 -10.77 4.56 -38.76
N ARG B 207 -11.64 4.00 -37.92
CA ARG B 207 -11.23 3.12 -36.83
C ARG B 207 -10.66 1.80 -37.34
N CYS B 208 -11.09 1.38 -38.53
CA CYS B 208 -10.61 0.12 -39.12
C CYS B 208 -10.08 0.30 -40.54
N PRO B 209 -8.79 0.66 -40.69
CA PRO B 209 -8.11 0.87 -41.97
C PRO B 209 -8.34 -0.33 -42.87
N GLN B 210 -7.60 -0.41 -43.97
CA GLN B 210 -7.73 -1.55 -44.87
C GLN B 210 -6.53 -2.46 -44.62
N ASN B 211 -5.80 -2.15 -43.56
CA ASN B 211 -4.64 -2.88 -43.09
C ASN B 211 -3.90 -2.02 -42.08
N ALA B 212 -3.89 -2.45 -40.83
CA ALA B 212 -3.24 -1.74 -39.75
C ALA B 212 -2.42 -2.72 -38.96
N THR B 213 -2.01 -2.33 -37.76
CA THR B 213 -1.18 -3.18 -36.94
C THR B 213 -1.98 -4.03 -35.94
N GLY B 214 -3.28 -4.19 -36.20
CA GLY B 214 -4.08 -4.97 -35.29
C GLY B 214 -5.57 -4.68 -35.21
N ASP B 215 -6.27 -5.48 -34.41
CA ASP B 215 -7.70 -5.32 -34.22
C ASP B 215 -8.06 -4.25 -33.20
N ASN B 216 -8.75 -3.22 -33.67
CA ASN B 216 -9.15 -2.13 -32.80
C ASN B 216 -10.54 -2.45 -32.30
N LEU B 217 -10.96 -1.81 -31.22
CA LEU B 217 -12.29 -2.03 -30.68
C LEU B 217 -13.22 -0.89 -31.04
N THR B 218 -14.51 -1.21 -31.11
CA THR B 218 -15.56 -0.24 -31.44
C THR B 218 -16.89 -0.68 -30.79
N ASN B 219 -17.68 0.29 -30.34
CA ASN B 219 -18.97 -0.01 -29.69
C ASN B 219 -20.01 -0.63 -30.63
N LEU B 220 -20.78 -1.55 -30.06
CA LEU B 220 -21.84 -2.24 -30.80
C LEU B 220 -23.04 -1.31 -30.91
N ASP B 221 -23.11 -0.31 -30.03
CA ASP B 221 -24.20 0.65 -30.03
C ASP B 221 -23.67 2.08 -29.98
N LEU B 222 -23.55 2.70 -31.15
CA LEU B 222 -23.04 4.06 -31.27
C LEU B 222 -23.86 5.12 -30.56
N SER B 223 -25.08 4.75 -30.15
CA SER B 223 -25.95 5.68 -29.45
C SER B 223 -25.64 5.71 -27.96
N THR B 224 -25.93 4.60 -27.27
CA THR B 224 -25.69 4.51 -25.83
C THR B 224 -24.79 3.30 -25.52
N PRO B 225 -23.51 3.40 -25.89
CA PRO B 225 -22.44 2.40 -25.73
C PRO B 225 -22.39 1.56 -24.46
N ASP B 226 -22.82 2.10 -23.33
CA ASP B 226 -22.78 1.32 -22.09
C ASP B 226 -24.11 1.14 -21.38
N GLN B 227 -25.17 1.75 -21.92
CA GLN B 227 -26.47 1.66 -21.28
C GLN B 227 -27.38 0.64 -21.95
N PHE B 228 -28.10 -0.12 -21.14
CA PHE B 228 -29.02 -1.14 -21.64
C PHE B 228 -30.36 -0.52 -21.99
N ASP B 229 -30.59 -0.26 -23.27
CA ASP B 229 -31.85 0.34 -23.72
C ASP B 229 -32.21 -0.06 -25.16
N ASN B 230 -33.43 0.23 -25.58
CA ASN B 230 -33.85 -0.16 -26.92
C ASN B 230 -33.23 0.63 -28.09
N ARG B 231 -32.12 1.33 -27.83
CA ARG B 231 -31.46 2.10 -28.89
C ARG B 231 -30.97 1.22 -30.04
N TYR B 232 -30.56 0.01 -29.69
CA TYR B 232 -30.07 -0.99 -30.66
C TYR B 232 -31.06 -1.20 -31.81
N TYR B 233 -32.35 -1.14 -31.50
CA TYR B 233 -33.40 -1.35 -32.50
C TYR B 233 -33.63 -0.10 -33.32
N SER B 234 -33.41 1.06 -32.71
CA SER B 234 -33.60 2.32 -33.39
C SER B 234 -32.53 2.44 -34.47
N ASN B 235 -31.30 2.06 -34.10
CA ASN B 235 -30.16 2.13 -35.00
C ASN B 235 -30.39 1.35 -36.29
N LEU B 236 -31.10 0.23 -36.20
CA LEU B 236 -31.37 -0.59 -37.37
C LEU B 236 -32.23 0.19 -38.37
N LEU B 237 -33.14 1.00 -37.87
CA LEU B 237 -34.02 1.79 -38.71
C LEU B 237 -33.24 2.81 -39.53
N GLN B 238 -32.09 3.23 -39.02
CA GLN B 238 -31.25 4.19 -39.74
C GLN B 238 -30.00 3.53 -40.31
N LEU B 239 -30.07 2.21 -40.49
CA LEU B 239 -28.97 1.40 -41.01
C LEU B 239 -27.66 1.54 -40.27
N ASN B 240 -27.74 1.70 -38.95
CA ASN B 240 -26.54 1.84 -38.11
C ASN B 240 -26.20 0.61 -37.30
N GLY B 241 -26.66 -0.56 -37.78
CA GLY B 241 -26.35 -1.81 -37.11
C GLY B 241 -24.92 -2.19 -37.45
N LEU B 242 -24.10 -2.42 -36.42
CA LEU B 242 -22.68 -2.75 -36.62
C LEU B 242 -22.39 -4.08 -37.30
N LEU B 243 -22.91 -5.17 -36.73
CA LEU B 243 -22.67 -6.49 -37.30
C LEU B 243 -23.61 -6.79 -38.46
N GLN B 244 -23.17 -7.72 -39.31
CA GLN B 244 -23.96 -8.14 -40.46
C GLN B 244 -25.24 -8.84 -40.02
N SER B 245 -25.16 -9.64 -38.96
CA SER B 245 -26.33 -10.38 -38.47
C SER B 245 -27.30 -9.48 -37.70
N ASP B 246 -26.87 -8.26 -37.36
CA ASP B 246 -27.73 -7.31 -36.67
C ASP B 246 -28.71 -6.69 -37.67
N GLN B 247 -28.15 -6.03 -38.67
CA GLN B 247 -28.89 -5.35 -39.72
C GLN B 247 -29.87 -6.28 -40.46
N GLU B 248 -29.44 -7.50 -40.74
CA GLU B 248 -30.26 -8.48 -41.45
C GLU B 248 -31.66 -8.65 -40.85
N LEU B 249 -31.82 -8.28 -39.59
CA LEU B 249 -33.11 -8.42 -38.91
C LEU B 249 -34.13 -7.43 -39.48
N PHE B 250 -33.61 -6.34 -40.05
CA PHE B 250 -34.45 -5.29 -40.62
C PHE B 250 -34.31 -5.15 -42.14
N SER B 251 -33.10 -5.31 -42.66
CA SER B 251 -32.85 -5.14 -44.09
C SER B 251 -32.91 -6.41 -44.94
N THR B 252 -33.71 -7.39 -44.52
CA THR B 252 -33.85 -8.62 -45.30
C THR B 252 -35.22 -8.57 -45.97
N PRO B 253 -35.28 -8.11 -47.24
CA PRO B 253 -36.56 -8.04 -47.95
C PRO B 253 -37.41 -9.30 -47.77
N GLY B 254 -38.63 -9.11 -47.26
CA GLY B 254 -39.51 -10.21 -46.99
C GLY B 254 -39.76 -10.11 -45.51
N ALA B 255 -38.67 -10.20 -44.74
CA ALA B 255 -38.70 -10.07 -43.29
C ALA B 255 -39.29 -11.21 -42.48
N ASP B 256 -40.25 -10.83 -41.64
CA ASP B 256 -40.94 -11.71 -40.70
C ASP B 256 -40.55 -11.12 -39.34
N THR B 257 -39.29 -10.71 -39.24
CA THR B 257 -38.77 -10.11 -38.02
C THR B 257 -38.89 -8.59 -38.03
N ILE B 258 -39.10 -7.99 -39.21
CA ILE B 258 -39.23 -6.54 -39.32
C ILE B 258 -40.31 -5.95 -38.41
N PRO B 259 -41.53 -6.50 -38.46
CA PRO B 259 -42.55 -5.92 -37.57
C PRO B 259 -42.11 -5.94 -36.08
N ILE B 260 -41.37 -6.98 -35.69
CA ILE B 260 -40.90 -7.11 -34.32
C ILE B 260 -39.84 -6.04 -34.00
N VAL B 261 -38.94 -5.77 -34.94
CA VAL B 261 -37.91 -4.74 -34.73
C VAL B 261 -38.62 -3.40 -34.55
N ASN B 262 -39.61 -3.16 -35.41
CA ASN B 262 -40.38 -1.93 -35.36
C ASN B 262 -41.06 -1.83 -34.00
N SER B 263 -41.80 -2.88 -33.66
CA SER B 263 -42.53 -2.93 -32.40
C SER B 263 -41.64 -2.51 -31.24
N PHE B 264 -40.48 -3.13 -31.14
CA PHE B 264 -39.53 -2.85 -30.07
C PHE B 264 -38.99 -1.42 -30.05
N SER B 265 -38.46 -0.98 -31.19
CA SER B 265 -37.90 0.37 -31.29
C SER B 265 -38.90 1.43 -30.83
N SER B 266 -40.18 1.10 -30.89
CA SER B 266 -41.24 2.03 -30.49
C SER B 266 -41.44 2.08 -28.99
N ASN B 267 -41.81 0.94 -28.41
CA ASN B 267 -42.04 0.84 -26.98
C ASN B 267 -40.94 0.07 -26.26
N GLN B 268 -40.04 0.80 -25.61
CA GLN B 268 -38.94 0.18 -24.88
C GLN B 268 -39.41 -0.73 -23.77
N ASN B 269 -40.50 -0.37 -23.13
CA ASN B 269 -41.01 -1.21 -22.06
C ASN B 269 -41.38 -2.56 -22.68
N THR B 270 -41.99 -2.52 -23.85
CA THR B 270 -42.37 -3.74 -24.54
C THR B 270 -41.15 -4.61 -24.72
N PHE B 271 -40.09 -4.01 -25.27
CA PHE B 271 -38.85 -4.73 -25.48
C PHE B 271 -38.40 -5.35 -24.16
N PHE B 272 -38.30 -4.50 -23.13
CA PHE B 272 -37.86 -4.93 -21.81
C PHE B 272 -38.55 -6.17 -21.29
N SER B 273 -39.86 -6.27 -21.50
CA SER B 273 -40.60 -7.42 -21.00
C SER B 273 -40.32 -8.73 -21.70
N ASN B 274 -40.20 -8.70 -23.02
CA ASN B 274 -39.92 -9.94 -23.75
C ASN B 274 -38.56 -10.49 -23.31
N PHE B 275 -37.66 -9.56 -23.00
CA PHE B 275 -36.30 -9.92 -22.58
C PHE B 275 -36.32 -10.79 -21.34
N ARG B 276 -36.90 -10.27 -20.27
CA ARG B 276 -36.98 -11.00 -19.00
C ARG B 276 -37.43 -12.44 -19.27
N VAL B 277 -38.41 -12.58 -20.15
CA VAL B 277 -38.95 -13.87 -20.53
C VAL B 277 -37.93 -14.74 -21.26
N SER B 278 -37.36 -14.17 -22.32
CA SER B 278 -36.35 -14.85 -23.14
C SER B 278 -35.10 -15.31 -22.39
N MET B 279 -34.64 -14.50 -21.44
CA MET B 279 -33.46 -14.85 -20.66
C MET B 279 -33.71 -16.06 -19.77
N ILE B 280 -34.93 -16.17 -19.26
CA ILE B 280 -35.30 -17.29 -18.39
C ILE B 280 -35.31 -18.57 -19.22
N LYS B 281 -35.94 -18.49 -20.38
CA LYS B 281 -36.04 -19.62 -21.30
C LYS B 281 -34.64 -20.16 -21.64
N MET B 282 -33.73 -19.25 -21.97
CA MET B 282 -32.36 -19.64 -22.32
C MET B 282 -31.63 -20.28 -21.14
N GLY B 283 -31.91 -19.78 -19.93
CA GLY B 283 -31.26 -20.30 -18.74
C GLY B 283 -31.79 -21.64 -18.29
N ASN B 284 -32.54 -22.30 -19.17
CA ASN B 284 -33.12 -23.60 -18.88
C ASN B 284 -32.60 -24.73 -19.79
N ILE B 285 -31.78 -24.35 -20.77
CA ILE B 285 -31.22 -25.30 -21.73
C ILE B 285 -30.25 -26.34 -21.12
N GLY B 286 -30.50 -27.61 -21.44
CA GLY B 286 -29.67 -28.71 -20.97
C GLY B 286 -29.18 -28.65 -19.53
N VAL B 287 -30.05 -28.25 -18.63
CA VAL B 287 -29.73 -28.13 -17.20
C VAL B 287 -29.51 -29.47 -16.45
N LEU B 288 -28.65 -29.44 -15.43
CA LEU B 288 -28.35 -30.60 -14.59
C LEU B 288 -28.89 -30.29 -13.20
N THR B 289 -29.82 -31.12 -12.71
CA THR B 289 -30.42 -30.88 -11.40
C THR B 289 -30.42 -32.09 -10.47
N GLY B 290 -30.99 -31.90 -9.28
CA GLY B 290 -31.08 -32.97 -8.30
C GLY B 290 -29.76 -33.49 -7.77
N ASP B 291 -29.33 -34.63 -8.31
CA ASP B 291 -28.06 -35.26 -7.90
C ASP B 291 -27.10 -35.35 -9.09
N GLU B 292 -27.52 -34.82 -10.23
CA GLU B 292 -26.69 -34.85 -11.44
C GLU B 292 -25.50 -33.90 -11.32
N GLY B 293 -24.39 -34.27 -11.95
CA GLY B 293 -23.21 -33.43 -11.90
C GLY B 293 -22.64 -33.25 -10.51
N GLU B 294 -22.08 -32.08 -10.24
CA GLU B 294 -21.50 -31.79 -8.94
C GLU B 294 -21.52 -30.30 -8.60
N ILE B 295 -20.77 -29.94 -7.55
CA ILE B 295 -20.63 -28.56 -7.11
C ILE B 295 -19.13 -28.32 -7.15
N ARG B 296 -18.68 -27.67 -8.21
CA ARG B 296 -17.26 -27.39 -8.41
C ARG B 296 -16.73 -26.47 -7.30
N LEU B 297 -15.55 -26.76 -6.77
CA LEU B 297 -14.98 -25.93 -5.71
C LEU B 297 -14.22 -24.78 -6.33
N GLN B 298 -13.65 -25.04 -7.50
CA GLN B 298 -12.88 -24.07 -8.29
C GLN B 298 -13.47 -24.16 -9.69
N CYS B 299 -13.95 -23.03 -10.22
CA CYS B 299 -14.60 -23.05 -11.53
C CYS B 299 -13.76 -23.37 -12.78
N ASN B 300 -12.44 -23.37 -12.67
CA ASN B 300 -11.58 -23.67 -13.82
C ASN B 300 -11.20 -25.15 -13.96
N PHE B 301 -11.31 -25.91 -12.86
CA PHE B 301 -10.97 -27.35 -12.86
C PHE B 301 -12.03 -28.22 -12.17
N VAL B 302 -12.17 -29.47 -12.62
CA VAL B 302 -13.13 -30.40 -12.03
C VAL B 302 -12.60 -30.83 -10.66
N ASN B 303 -13.50 -31.19 -9.76
CA ASN B 303 -13.09 -31.59 -8.41
C ASN B 303 -12.05 -32.70 -8.40
N GLY B 304 -10.80 -32.33 -8.14
CA GLY B 304 -9.70 -33.28 -8.10
C GLY B 304 -8.97 -33.44 -9.43
N GLN C 1 14.96 -1.17 -5.02
CA GLN C 1 14.26 0.09 -5.40
C GLN C 1 14.83 1.33 -4.73
N LEU C 2 15.72 2.02 -5.44
CA LEU C 2 16.39 3.23 -4.95
C LEU C 2 15.47 4.22 -4.24
N THR C 3 15.88 4.62 -3.04
CA THR C 3 15.11 5.58 -2.23
C THR C 3 16.01 6.70 -1.70
N PRO C 4 15.50 7.94 -1.68
CA PRO C 4 16.32 9.04 -1.19
C PRO C 4 16.65 9.03 0.30
N THR C 5 15.94 8.21 1.07
CA THR C 5 16.20 8.13 2.51
C THR C 5 16.80 6.80 2.91
N PHE C 6 17.34 6.08 1.94
CA PHE C 6 17.95 4.79 2.17
C PHE C 6 18.91 4.78 3.38
N TYR C 7 19.42 5.94 3.77
CA TYR C 7 20.34 6.00 4.89
C TYR C 7 19.82 6.77 6.10
N ARG C 8 18.54 7.14 6.06
CA ARG C 8 17.91 7.88 7.16
C ARG C 8 18.41 7.44 8.54
N GLU C 9 18.47 6.12 8.76
CA GLU C 9 18.90 5.56 10.03
C GLU C 9 20.38 5.19 9.97
N THR C 10 20.73 4.50 8.88
CA THR C 10 22.08 4.00 8.63
C THR C 10 23.22 5.03 8.68
N CYS C 11 23.05 6.16 7.99
CA CYS C 11 24.07 7.20 7.96
C CYS C 11 23.37 8.56 8.00
N PRO C 12 22.79 8.90 9.16
CA PRO C 12 22.06 10.13 9.45
C PRO C 12 22.56 11.38 8.76
N ASN C 13 23.79 11.78 9.05
CA ASN C 13 24.34 12.98 8.43
C ASN C 13 25.29 12.68 7.28
N LEU C 14 24.81 11.88 6.33
CA LEU C 14 25.64 11.53 5.18
C LEU C 14 25.88 12.79 4.35
N PHE C 15 24.81 13.39 3.85
CA PHE C 15 24.89 14.59 3.05
C PHE C 15 25.77 15.68 3.66
N PRO C 16 25.49 16.10 4.90
CA PRO C 16 26.33 17.14 5.49
C PRO C 16 27.84 16.87 5.35
N ILE C 17 28.25 15.62 5.58
CA ILE C 17 29.67 15.27 5.50
C ILE C 17 30.25 15.49 4.09
N VAL C 18 29.68 14.82 3.09
CA VAL C 18 30.17 14.97 1.73
C VAL C 18 30.05 16.42 1.22
N PHE C 19 28.99 17.13 1.62
CA PHE C 19 28.84 18.53 1.19
C PHE C 19 30.04 19.33 1.68
N GLY C 20 30.40 19.14 2.94
CA GLY C 20 31.53 19.86 3.51
C GLY C 20 32.81 19.57 2.76
N VAL C 21 33.07 18.29 2.47
CA VAL C 21 34.27 17.91 1.75
C VAL C 21 34.40 18.65 0.43
N ILE C 22 33.40 18.52 -0.43
CA ILE C 22 33.42 19.16 -1.75
C ILE C 22 33.54 20.69 -1.66
N PHE C 23 32.96 21.27 -0.62
CA PHE C 23 33.02 22.72 -0.42
C PHE C 23 34.46 23.21 -0.12
N ASP C 24 35.15 22.54 0.81
CA ASP C 24 36.52 22.95 1.13
C ASP C 24 37.46 22.68 -0.04
N ALA C 25 37.19 21.61 -0.77
CA ALA C 25 38.01 21.22 -1.91
C ALA C 25 37.91 22.21 -3.05
N SER C 26 37.04 23.21 -2.89
CA SER C 26 36.85 24.22 -3.92
C SER C 26 37.52 25.54 -3.56
N PHE C 27 37.96 25.65 -2.30
CA PHE C 27 38.62 26.86 -1.85
C PHE C 27 39.81 27.13 -2.74
N THR C 28 40.40 26.06 -3.29
CA THR C 28 41.56 26.19 -4.16
C THR C 28 41.35 25.68 -5.58
N ASP C 29 40.18 25.13 -5.88
CA ASP C 29 39.91 24.64 -7.24
C ASP C 29 38.45 24.82 -7.66
N PRO C 30 38.17 25.92 -8.38
CA PRO C 30 36.82 26.25 -8.86
C PRO C 30 36.40 25.39 -10.04
N ARG C 31 36.96 24.20 -10.14
CA ARG C 31 36.63 23.30 -11.26
C ARG C 31 36.26 21.91 -10.79
N ILE C 32 36.61 21.59 -9.55
CA ILE C 32 36.33 20.27 -9.00
C ILE C 32 34.84 19.88 -9.11
N GLY C 33 33.96 20.88 -9.11
CA GLY C 33 32.54 20.59 -9.23
C GLY C 33 32.21 19.97 -10.57
N ALA C 34 32.57 20.66 -11.65
CA ALA C 34 32.32 20.15 -12.99
C ALA C 34 33.01 18.79 -13.18
N SER C 35 34.23 18.69 -12.69
CA SER C 35 34.98 17.44 -12.80
C SER C 35 34.25 16.26 -12.15
N LEU C 36 33.71 16.48 -10.96
CA LEU C 36 32.99 15.42 -10.24
C LEU C 36 31.74 14.97 -10.98
N MET C 37 30.98 15.91 -11.53
CA MET C 37 29.76 15.58 -12.27
C MET C 37 30.07 14.67 -13.46
N ARG C 38 30.95 15.13 -14.34
CA ARG C 38 31.33 14.39 -15.54
C ARG C 38 31.83 12.98 -15.15
N LEU C 39 32.31 12.85 -13.93
CA LEU C 39 32.82 11.58 -13.43
C LEU C 39 31.67 10.60 -13.26
N HIS C 40 30.56 11.08 -12.71
CA HIS C 40 29.35 10.28 -12.49
C HIS C 40 28.80 9.85 -13.86
N PHE C 41 28.99 10.70 -14.86
CA PHE C 41 28.53 10.43 -16.20
C PHE C 41 29.30 9.27 -16.82
N HIS C 42 30.62 9.28 -16.67
CA HIS C 42 31.43 8.22 -17.24
C HIS C 42 31.26 6.89 -16.53
N ASP C 43 30.64 6.92 -15.37
CA ASP C 43 30.44 5.68 -14.66
C ASP C 43 29.22 4.99 -15.24
N CYS C 44 28.09 5.68 -15.19
CA CYS C 44 26.82 5.15 -15.69
C CYS C 44 26.81 4.55 -17.11
N PHE C 45 27.40 5.24 -18.07
CA PHE C 45 27.42 4.74 -19.45
C PHE C 45 28.22 3.46 -19.70
N VAL C 46 29.02 3.01 -18.74
CA VAL C 46 29.81 1.77 -18.94
C VAL C 46 29.54 0.77 -17.82
N GLN C 47 28.85 -0.32 -18.18
CA GLN C 47 28.50 -1.39 -17.23
C GLN C 47 27.43 -0.94 -16.23
N GLY C 48 27.21 0.37 -16.11
CA GLY C 48 26.20 0.88 -15.20
C GLY C 48 26.76 1.81 -14.15
N CYS C 49 25.89 2.56 -13.47
CA CYS C 49 26.35 3.46 -12.41
C CYS C 49 26.73 2.54 -11.22
N ASP C 50 27.92 1.94 -11.31
CA ASP C 50 28.39 1.02 -10.27
C ASP C 50 29.81 1.27 -9.80
N GLY C 51 30.28 2.50 -9.97
CA GLY C 51 31.63 2.86 -9.55
C GLY C 51 32.76 2.13 -10.27
N SER C 52 32.41 1.18 -11.13
CA SER C 52 33.40 0.40 -11.88
C SER C 52 34.57 1.18 -12.46
N VAL C 53 34.36 2.47 -12.68
CA VAL C 53 35.39 3.33 -13.29
C VAL C 53 36.49 3.77 -12.36
N LEU C 54 36.23 3.72 -11.05
CA LEU C 54 37.21 4.15 -10.05
C LEU C 54 38.25 3.08 -9.72
N LEU C 55 38.07 1.87 -10.24
CA LEU C 55 39.00 0.78 -9.98
C LEU C 55 40.33 0.94 -10.74
N ASN C 56 41.44 0.77 -10.02
CA ASN C 56 42.79 0.89 -10.59
C ASN C 56 43.27 -0.43 -11.17
N ASN C 57 44.42 -0.40 -11.83
CA ASN C 57 44.99 -1.60 -12.42
C ASN C 57 45.49 -2.66 -11.42
N THR C 58 45.01 -3.89 -11.62
CA THR C 58 45.36 -5.02 -10.78
C THR C 58 45.81 -6.16 -11.70
N ASP C 59 46.31 -7.23 -11.09
CA ASP C 59 46.74 -8.41 -11.84
C ASP C 59 45.49 -9.00 -12.42
N THR C 60 44.37 -8.66 -11.80
CA THR C 60 43.07 -9.17 -12.20
C THR C 60 42.17 -8.17 -12.96
N ILE C 61 42.46 -6.86 -12.88
CA ILE C 61 41.64 -5.86 -13.57
C ILE C 61 42.41 -4.85 -14.45
N GLU C 62 41.86 -4.55 -15.62
CA GLU C 62 42.46 -3.58 -16.54
C GLU C 62 41.59 -2.32 -16.58
N SER C 63 41.92 -1.36 -15.71
CA SER C 63 41.18 -0.10 -15.59
C SER C 63 40.63 0.61 -16.83
N GLU C 64 39.39 1.08 -16.71
CA GLU C 64 38.73 1.81 -17.79
C GLU C 64 39.43 3.15 -17.94
N GLN C 65 40.11 3.56 -16.87
CA GLN C 65 40.84 4.83 -16.82
C GLN C 65 41.86 4.96 -17.94
N ASP C 66 42.08 3.86 -18.66
CA ASP C 66 43.04 3.83 -19.77
C ASP C 66 42.38 3.76 -21.14
N ALA C 67 41.05 3.87 -21.18
CA ALA C 67 40.35 3.84 -22.45
C ALA C 67 40.56 5.18 -23.13
N LEU C 68 40.37 5.20 -24.45
CA LEU C 68 40.54 6.42 -25.24
C LEU C 68 39.89 7.69 -24.65
N PRO C 69 38.60 7.62 -24.25
CA PRO C 69 37.95 8.80 -23.68
C PRO C 69 38.29 9.15 -22.24
N ASN C 70 38.95 8.25 -21.52
CA ASN C 70 39.32 8.47 -20.11
C ASN C 70 40.76 8.92 -19.92
N ILE C 71 41.65 8.31 -20.69
CA ILE C 71 43.08 8.59 -20.61
C ILE C 71 43.39 10.09 -20.72
N ASN C 72 44.24 10.57 -19.81
CA ASN C 72 44.64 11.97 -19.79
C ASN C 72 43.49 12.96 -19.84
N SER C 73 42.32 12.59 -19.32
CA SER C 73 41.17 13.48 -19.35
C SER C 73 40.38 13.62 -18.03
N ILE C 74 39.77 12.53 -17.54
CA ILE C 74 39.00 12.62 -16.29
C ILE C 74 39.91 12.91 -15.09
N ARG C 75 39.37 13.52 -14.04
CA ARG C 75 40.17 13.86 -12.85
C ARG C 75 39.36 14.02 -11.59
N GLY C 76 40.02 13.97 -10.44
CA GLY C 76 39.34 14.14 -9.17
C GLY C 76 39.07 12.89 -8.35
N LEU C 77 39.70 11.78 -8.71
CA LEU C 77 39.50 10.53 -7.96
C LEU C 77 40.09 10.68 -6.56
N ASP C 78 40.92 11.71 -6.42
CA ASP C 78 41.60 12.05 -5.18
C ASP C 78 40.62 12.68 -4.18
N VAL C 79 39.83 13.63 -4.66
CA VAL C 79 38.86 14.29 -3.80
C VAL C 79 37.78 13.26 -3.50
N VAL C 80 37.59 12.32 -4.44
CA VAL C 80 36.60 11.27 -4.29
C VAL C 80 36.96 10.36 -3.10
N ASN C 81 38.23 10.01 -2.97
CA ASN C 81 38.65 9.16 -1.86
C ASN C 81 38.57 9.88 -0.51
N ASP C 82 38.77 11.19 -0.51
CA ASP C 82 38.69 11.98 0.72
C ASP C 82 37.28 11.93 1.30
N ILE C 83 36.30 11.85 0.40
CA ILE C 83 34.90 11.77 0.79
C ILE C 83 34.67 10.44 1.50
N LYS C 84 35.10 9.36 0.86
CA LYS C 84 34.98 8.00 1.40
C LYS C 84 35.58 7.91 2.79
N THR C 85 36.80 8.41 2.93
CA THR C 85 37.52 8.40 4.21
C THR C 85 36.75 9.08 5.34
N ALA C 86 36.17 10.24 5.06
CA ALA C 86 35.40 11.00 6.04
C ALA C 86 34.04 10.37 6.34
N VAL C 87 33.44 9.75 5.32
CA VAL C 87 32.15 9.09 5.46
C VAL C 87 32.32 7.83 6.33
N GLU C 88 33.40 7.10 6.08
CA GLU C 88 33.76 5.89 6.83
C GLU C 88 33.96 6.17 8.32
N ASN C 89 34.61 7.29 8.62
CA ASN C 89 34.87 7.67 10.01
C ASN C 89 33.55 7.86 10.76
N SER C 90 32.44 7.87 10.04
CA SER C 90 31.13 8.04 10.67
C SER C 90 30.24 6.82 10.51
N CYS C 91 30.15 6.32 9.28
CA CYS C 91 29.32 5.15 8.96
C CYS C 91 30.16 4.00 8.44
N PRO C 92 30.97 3.39 9.32
CA PRO C 92 31.84 2.26 8.95
C PRO C 92 31.19 1.29 7.96
N ASP C 93 31.84 1.15 6.81
CA ASP C 93 31.39 0.31 5.70
C ASP C 93 29.87 0.11 5.54
N THR C 94 29.19 1.20 5.16
CA THR C 94 27.74 1.16 4.93
C THR C 94 27.34 1.92 3.65
N VAL C 95 28.08 2.97 3.31
CA VAL C 95 27.78 3.74 2.08
C VAL C 95 28.72 3.37 0.91
N SER C 96 28.13 3.15 -0.26
CA SER C 96 28.89 2.76 -1.45
C SER C 96 29.55 3.91 -2.20
N CYS C 97 30.59 3.57 -2.96
CA CYS C 97 31.28 4.57 -3.75
C CYS C 97 30.33 5.04 -4.85
N ALA C 98 29.65 4.08 -5.48
CA ALA C 98 28.69 4.39 -6.54
C ALA C 98 27.81 5.55 -6.14
N ASP C 99 27.12 5.41 -5.01
CA ASP C 99 26.23 6.47 -4.53
C ASP C 99 26.96 7.80 -4.33
N ILE C 100 28.16 7.74 -3.76
CA ILE C 100 28.94 8.95 -3.53
C ILE C 100 29.10 9.78 -4.81
N LEU C 101 29.34 9.13 -5.94
CA LEU C 101 29.49 9.88 -7.17
C LEU C 101 28.19 10.57 -7.55
N ALA C 102 27.07 9.87 -7.34
CA ALA C 102 25.75 10.42 -7.66
C ALA C 102 25.40 11.62 -6.79
N ILE C 103 25.85 11.59 -5.53
CA ILE C 103 25.57 12.68 -4.62
C ILE C 103 26.46 13.88 -4.96
N ALA C 104 27.66 13.60 -5.44
CA ALA C 104 28.58 14.67 -5.81
C ALA C 104 28.03 15.50 -6.98
N ALA C 105 27.52 14.82 -8.01
CA ALA C 105 26.97 15.51 -9.17
C ALA C 105 25.85 16.50 -8.81
N GLU C 106 24.96 16.10 -7.90
CA GLU C 106 23.86 16.99 -7.49
C GLU C 106 24.44 18.16 -6.69
N ILE C 107 25.30 17.87 -5.72
CA ILE C 107 25.89 18.92 -4.91
C ILE C 107 26.63 19.93 -5.80
N ALA C 108 27.34 19.43 -6.80
CA ALA C 108 28.08 20.28 -7.73
C ALA C 108 27.16 21.35 -8.35
N SER C 109 26.01 20.93 -8.84
CA SER C 109 25.03 21.83 -9.44
C SER C 109 24.63 22.92 -8.46
N VAL C 110 24.18 22.49 -7.28
CA VAL C 110 23.77 23.43 -6.24
C VAL C 110 24.88 24.42 -5.91
N LEU C 111 26.09 23.89 -5.78
CA LEU C 111 27.26 24.68 -5.44
C LEU C 111 27.70 25.62 -6.57
N GLY C 112 27.07 25.51 -7.74
CA GLY C 112 27.43 26.36 -8.86
C GLY C 112 26.31 27.28 -9.33
N GLY C 113 25.24 27.34 -8.54
CA GLY C 113 24.10 28.16 -8.89
C GLY C 113 22.96 27.39 -9.50
N GLY C 114 23.23 26.18 -10.00
CA GLY C 114 22.20 25.37 -10.62
C GLY C 114 21.12 24.88 -9.65
N PRO C 115 20.15 24.07 -10.12
CA PRO C 115 19.06 23.52 -9.31
C PRO C 115 19.47 22.29 -8.49
N GLY C 116 18.62 21.93 -7.52
CA GLY C 116 18.87 20.76 -6.70
C GLY C 116 17.73 19.77 -6.82
N TRP C 117 17.88 18.60 -6.21
CA TRP C 117 16.83 17.56 -6.24
C TRP C 117 17.17 16.42 -5.27
N PRO C 118 16.15 15.69 -4.77
CA PRO C 118 16.36 14.57 -3.85
C PRO C 118 17.00 13.39 -4.56
N VAL C 119 18.22 13.04 -4.18
CA VAL C 119 18.92 11.96 -4.83
C VAL C 119 18.52 10.58 -4.31
N PRO C 120 17.95 9.73 -5.19
CA PRO C 120 17.56 8.38 -4.77
C PRO C 120 18.84 7.59 -4.57
N LEU C 121 18.96 6.90 -3.44
CA LEU C 121 20.16 6.16 -3.14
C LEU C 121 19.93 4.67 -2.83
N GLY C 122 21.04 3.94 -2.66
CA GLY C 122 20.96 2.52 -2.36
C GLY C 122 21.66 1.58 -3.33
N ARG C 123 22.49 2.11 -4.22
CA ARG C 123 23.21 1.28 -5.19
C ARG C 123 24.37 0.56 -4.51
N ARG C 124 24.90 -0.46 -5.17
CA ARG C 124 26.03 -1.21 -4.63
C ARG C 124 27.15 -1.29 -5.66
N ASP C 125 28.40 -1.30 -5.17
CA ASP C 125 29.60 -1.36 -6.00
C ASP C 125 29.76 -2.67 -6.79
N SER C 126 30.56 -2.63 -7.86
CA SER C 126 30.80 -3.81 -8.68
C SER C 126 32.07 -4.54 -8.26
N LEU C 127 32.41 -5.57 -9.03
CA LEU C 127 33.59 -6.38 -8.77
C LEU C 127 34.41 -6.56 -10.05
N THR C 128 33.96 -5.89 -11.11
CA THR C 128 34.61 -5.96 -12.41
C THR C 128 34.72 -4.61 -13.08
N ALA C 129 35.34 -4.60 -14.26
CA ALA C 129 35.50 -3.39 -15.05
C ALA C 129 35.52 -3.80 -16.52
N ASN C 130 35.29 -2.84 -17.41
CA ASN C 130 35.31 -3.14 -18.85
C ASN C 130 35.90 -2.00 -19.68
N ARG C 131 37.19 -2.11 -19.98
CA ARG C 131 37.86 -1.08 -20.76
C ARG C 131 37.32 -0.97 -22.20
N THR C 132 37.28 -2.08 -22.93
CA THR C 132 36.79 -2.02 -24.32
C THR C 132 35.40 -1.42 -24.39
N LEU C 133 34.53 -1.84 -23.47
CA LEU C 133 33.17 -1.34 -23.43
C LEU C 133 33.22 0.19 -23.35
N ALA C 134 34.09 0.70 -22.49
CA ALA C 134 34.26 2.14 -22.33
C ALA C 134 34.46 2.82 -23.69
N ASN C 135 35.38 2.30 -24.50
CA ASN C 135 35.64 2.87 -25.82
C ASN C 135 34.45 2.87 -26.75
N GLN C 136 33.63 1.83 -26.63
CA GLN C 136 32.47 1.72 -27.51
C GLN C 136 31.16 2.26 -26.94
N ASN C 137 31.19 2.88 -25.78
CA ASN C 137 29.96 3.40 -25.19
C ASN C 137 29.92 4.92 -24.97
N LEU C 138 31.07 5.54 -24.75
CA LEU C 138 31.10 6.99 -24.55
C LEU C 138 31.24 7.73 -25.88
N PRO C 139 30.29 8.65 -26.17
CA PRO C 139 30.31 9.42 -27.42
C PRO C 139 31.55 10.29 -27.56
N ALA C 140 32.00 10.44 -28.80
CA ALA C 140 33.17 11.26 -29.12
C ALA C 140 32.67 12.59 -29.69
N PRO C 141 33.46 13.66 -29.52
CA PRO C 141 33.09 14.99 -30.03
C PRO C 141 32.99 15.15 -31.55
N PHE C 142 33.60 14.26 -32.32
CA PHE C 142 33.52 14.36 -33.78
C PHE C 142 32.33 13.58 -34.34
N PHE C 143 31.40 13.22 -33.46
CA PHE C 143 30.22 12.50 -33.88
C PHE C 143 29.20 13.45 -34.47
N ASN C 144 28.39 12.95 -35.40
CA ASN C 144 27.36 13.78 -36.00
C ASN C 144 26.08 13.55 -35.17
N LEU C 145 25.03 14.33 -35.44
CA LEU C 145 23.78 14.19 -34.67
C LEU C 145 23.27 12.76 -34.67
N THR C 146 23.19 12.15 -35.84
CA THR C 146 22.69 10.78 -35.93
C THR C 146 23.43 9.87 -34.97
N GLN C 147 24.76 9.96 -34.99
CA GLN C 147 25.60 9.16 -34.12
C GLN C 147 25.35 9.43 -32.65
N LEU C 148 25.25 10.70 -32.29
CA LEU C 148 25.03 11.07 -30.90
C LEU C 148 23.72 10.44 -30.38
N LYS C 149 22.63 10.68 -31.12
CA LYS C 149 21.33 10.13 -30.76
C LYS C 149 21.36 8.62 -30.51
N ALA C 150 22.07 7.90 -31.38
CA ALA C 150 22.17 6.46 -31.28
C ALA C 150 22.89 6.02 -30.01
N SER C 151 23.94 6.74 -29.66
CA SER C 151 24.73 6.42 -28.46
C SER C 151 23.85 6.57 -27.22
N PHE C 152 23.01 7.58 -27.18
CA PHE C 152 22.15 7.78 -26.03
C PHE C 152 21.04 6.72 -25.97
N ALA C 153 20.60 6.25 -27.13
CA ALA C 153 19.55 5.23 -27.17
C ALA C 153 20.05 3.95 -26.51
N VAL C 154 21.29 3.58 -26.77
CA VAL C 154 21.86 2.37 -26.19
C VAL C 154 21.65 2.37 -24.67
N GLN C 155 21.70 3.57 -24.08
CA GLN C 155 21.55 3.74 -22.64
C GLN C 155 20.09 3.89 -22.19
N GLY C 156 19.18 4.03 -23.15
CA GLY C 156 17.79 4.19 -22.80
C GLY C 156 17.42 5.64 -22.58
N LEU C 157 18.12 6.54 -23.27
CA LEU C 157 17.86 7.98 -23.15
C LEU C 157 17.42 8.50 -24.52
N ASN C 158 16.49 9.44 -24.52
CA ASN C 158 15.94 10.00 -25.75
C ASN C 158 16.59 11.28 -26.24
N THR C 159 16.01 11.83 -27.30
CA THR C 159 16.50 13.05 -27.91
C THR C 159 16.46 14.20 -26.91
N LEU C 160 15.36 14.37 -26.19
CA LEU C 160 15.27 15.43 -25.20
C LEU C 160 16.39 15.23 -24.20
N ASP C 161 16.50 14.00 -23.70
CA ASP C 161 17.53 13.66 -22.74
C ASP C 161 18.91 14.09 -23.23
N LEU C 162 19.20 13.83 -24.50
CA LEU C 162 20.49 14.21 -25.09
C LEU C 162 20.75 15.72 -25.01
N VAL C 163 19.83 16.52 -25.55
CA VAL C 163 19.99 17.98 -25.54
C VAL C 163 20.00 18.57 -24.13
N THR C 164 19.31 17.90 -23.21
CA THR C 164 19.22 18.38 -21.83
C THR C 164 20.51 18.21 -21.02
N LEU C 165 21.15 17.05 -21.14
CA LEU C 165 22.37 16.77 -20.42
C LEU C 165 23.62 17.46 -21.01
N SER C 166 23.49 17.96 -22.24
CA SER C 166 24.59 18.65 -22.91
C SER C 166 24.79 19.99 -22.19
N GLY C 167 23.79 20.37 -21.41
CA GLY C 167 23.86 21.61 -20.66
C GLY C 167 24.99 21.51 -19.63
N GLY C 168 25.38 20.28 -19.32
CA GLY C 168 26.46 20.08 -18.37
C GLY C 168 27.68 20.88 -18.82
N HIS C 169 27.76 21.16 -20.11
CA HIS C 169 28.87 21.91 -20.67
C HIS C 169 28.76 23.40 -20.40
N THR C 170 27.86 23.80 -19.53
CA THR C 170 27.72 25.21 -19.19
C THR C 170 28.88 25.64 -18.28
N PHE C 171 29.72 24.69 -17.90
CA PHE C 171 30.90 24.96 -17.08
C PHE C 171 31.95 23.86 -17.28
N GLY C 172 33.18 24.07 -16.79
CA GLY C 172 34.22 23.07 -16.98
C GLY C 172 35.23 23.41 -18.07
N ARG C 173 36.22 22.53 -18.27
CA ARG C 173 37.27 22.74 -19.27
C ARG C 173 37.36 21.68 -20.37
N ALA C 174 38.18 21.97 -21.39
CA ALA C 174 38.41 21.09 -22.55
C ALA C 174 39.73 21.47 -23.27
N ARG C 175 40.55 20.48 -23.57
CA ARG C 175 41.84 20.74 -24.23
C ARG C 175 41.75 21.03 -25.73
N CYS C 176 42.66 21.88 -26.21
CA CYS C 176 42.70 22.28 -27.62
C CYS C 176 42.42 21.18 -28.65
N SER C 177 43.14 20.07 -28.52
CA SER C 177 43.01 18.96 -29.45
C SER C 177 41.59 18.45 -29.65
N THR C 178 40.74 18.59 -28.64
CA THR C 178 39.37 18.11 -28.75
C THR C 178 38.51 18.88 -29.73
N PHE C 179 38.95 20.05 -30.17
CA PHE C 179 38.17 20.85 -31.11
C PHE C 179 38.98 21.55 -32.19
N ILE C 180 40.30 21.50 -32.05
CA ILE C 180 41.20 22.16 -32.99
C ILE C 180 40.93 21.85 -34.47
N ASN C 181 40.43 20.67 -34.79
CA ASN C 181 40.19 20.33 -36.19
C ASN C 181 39.27 21.32 -36.93
N ARG C 182 38.47 22.09 -36.18
CA ARG C 182 37.58 23.05 -36.84
C ARG C 182 38.12 24.48 -36.82
N LEU C 183 39.40 24.60 -36.48
CA LEU C 183 40.11 25.88 -36.42
C LEU C 183 40.95 26.17 -37.68
N TYR C 184 41.46 25.12 -38.31
CA TYR C 184 42.29 25.28 -39.51
C TYR C 184 41.89 24.39 -40.70
N ASN C 185 41.77 23.09 -40.49
CA ASN C 185 41.41 22.20 -41.59
C ASN C 185 40.26 21.24 -41.29
N PHE C 186 39.04 21.70 -41.54
CA PHE C 186 37.82 20.93 -41.31
C PHE C 186 37.45 20.10 -42.55
N SER C 187 37.16 18.82 -42.38
CA SER C 187 36.79 17.92 -43.48
C SER C 187 37.76 17.87 -44.64
N ASN C 188 39.04 18.16 -44.37
CA ASN C 188 40.09 18.17 -45.39
C ASN C 188 39.89 19.30 -46.39
N THR C 189 39.04 20.26 -46.04
CA THR C 189 38.72 21.41 -46.90
C THR C 189 39.78 22.51 -46.84
N GLY C 190 40.63 22.47 -45.81
CA GLY C 190 41.66 23.48 -45.65
C GLY C 190 41.11 24.72 -44.98
N ASN C 191 39.80 24.75 -44.73
CA ASN C 191 39.15 25.90 -44.12
C ASN C 191 38.39 25.58 -42.84
N PRO C 192 38.27 26.56 -41.92
CA PRO C 192 37.58 26.41 -40.63
C PRO C 192 36.13 25.96 -40.79
N ASP C 193 35.59 25.32 -39.75
CA ASP C 193 34.20 24.87 -39.77
C ASP C 193 33.34 26.11 -39.96
N PRO C 194 32.54 26.15 -41.04
CA PRO C 194 31.67 27.30 -41.32
C PRO C 194 30.59 27.61 -40.27
N THR C 195 30.52 26.81 -39.22
CA THR C 195 29.51 27.04 -38.20
C THR C 195 30.07 27.58 -36.88
N LEU C 196 31.31 28.06 -36.93
CA LEU C 196 31.96 28.62 -35.75
C LEU C 196 32.11 30.14 -35.92
N ASN C 197 31.63 30.88 -34.92
CA ASN C 197 31.70 32.35 -34.89
C ASN C 197 33.12 32.79 -35.30
N THR C 198 33.19 33.73 -36.23
CA THR C 198 34.50 34.20 -36.73
C THR C 198 35.32 34.95 -35.69
N THR C 199 34.63 35.68 -34.80
CA THR C 199 35.32 36.44 -33.77
C THR C 199 35.96 35.46 -32.79
N TYR C 200 35.16 34.49 -32.36
CA TYR C 200 35.61 33.46 -31.44
C TYR C 200 36.72 32.65 -32.15
N LEU C 201 36.54 32.43 -33.45
CA LEU C 201 37.52 31.69 -34.24
C LEU C 201 38.92 32.27 -34.12
N GLU C 202 38.99 33.55 -33.78
CA GLU C 202 40.28 34.23 -33.63
C GLU C 202 40.81 34.00 -32.22
N VAL C 203 40.01 34.37 -31.23
CA VAL C 203 40.43 34.19 -29.85
C VAL C 203 40.94 32.77 -29.66
N LEU C 204 40.25 31.82 -30.28
CA LEU C 204 40.59 30.41 -30.21
C LEU C 204 41.91 30.07 -30.90
N ARG C 205 42.15 30.62 -32.09
CA ARG C 205 43.41 30.36 -32.79
C ARG C 205 44.56 30.91 -31.94
N ALA C 206 44.24 31.89 -31.10
CA ALA C 206 45.22 32.49 -30.22
C ALA C 206 45.64 31.47 -29.17
N ARG C 207 44.65 30.96 -28.43
CA ARG C 207 44.89 29.99 -27.35
C ARG C 207 45.39 28.65 -27.89
N CYS C 208 45.02 28.33 -29.14
CA CYS C 208 45.43 27.07 -29.76
C CYS C 208 46.10 27.27 -31.13
N PRO C 209 47.43 27.51 -31.15
CA PRO C 209 48.23 27.73 -32.37
C PRO C 209 47.98 26.60 -33.34
N GLN C 210 48.79 26.50 -34.39
CA GLN C 210 48.64 25.43 -35.36
C GLN C 210 49.72 24.40 -35.07
N ASN C 211 50.38 24.60 -33.94
CA ASN C 211 51.44 23.73 -33.42
C ASN C 211 52.16 24.48 -32.31
N ALA C 212 52.02 23.97 -31.09
CA ALA C 212 52.64 24.58 -29.92
C ALA C 212 53.30 23.47 -29.12
N THR C 213 53.65 23.76 -27.88
CA THR C 213 54.32 22.79 -27.04
C THR C 213 53.36 21.98 -26.15
N GLY C 214 52.09 21.96 -26.52
CA GLY C 214 51.14 21.19 -25.73
C GLY C 214 49.69 21.63 -25.77
N ASP C 215 48.86 20.87 -25.06
CA ASP C 215 47.43 21.14 -24.99
C ASP C 215 47.09 22.18 -23.93
N ASN C 216 46.53 23.29 -24.39
CA ASN C 216 46.15 24.37 -23.49
C ASN C 216 44.70 24.16 -23.13
N LEU C 217 44.25 24.79 -22.05
CA LEU C 217 42.87 24.65 -21.64
C LEU C 217 42.07 25.89 -22.00
N THR C 218 40.77 25.69 -22.19
CA THR C 218 39.85 26.78 -22.53
C THR C 218 38.44 26.43 -22.03
N ASN C 219 37.70 27.44 -21.57
CA ASN C 219 36.33 27.24 -21.06
C ASN C 219 35.33 26.76 -22.10
N LEU C 220 34.43 25.88 -21.66
CA LEU C 220 33.39 25.33 -22.52
C LEU C 220 32.28 26.38 -22.68
N ASP C 221 32.23 27.33 -21.74
CA ASP C 221 31.23 28.39 -21.77
C ASP C 221 31.88 29.76 -21.59
N LEU C 222 32.16 30.42 -22.71
CA LEU C 222 32.79 31.74 -22.71
C LEU C 222 32.00 32.83 -22.01
N SER C 223 30.72 32.56 -21.72
CA SER C 223 29.88 33.53 -21.04
C SER C 223 30.06 33.44 -19.53
N THR C 224 29.62 32.34 -18.93
CA THR C 224 29.74 32.15 -17.49
C THR C 224 30.50 30.85 -17.18
N PRO C 225 31.81 30.85 -17.44
CA PRO C 225 32.77 29.75 -17.25
C PRO C 225 32.63 28.84 -16.03
N ASP C 226 32.15 29.37 -14.91
CA ASP C 226 32.03 28.52 -13.71
C ASP C 226 30.63 28.43 -13.12
N GLN C 227 29.68 29.16 -13.71
CA GLN C 227 28.33 29.16 -13.19
C GLN C 227 27.39 28.27 -13.98
N PHE C 228 26.54 27.53 -13.28
CA PHE C 228 25.59 26.63 -13.91
C PHE C 228 24.34 27.39 -14.32
N ASP C 229 24.24 27.72 -15.60
CA ASP C 229 23.08 28.47 -16.12
C ASP C 229 22.81 28.18 -17.60
N ASN C 230 21.65 28.60 -18.10
CA ASN C 230 21.31 28.32 -19.49
C ASN C 230 22.10 29.10 -20.56
N ARG C 231 23.24 29.69 -20.18
CA ARG C 231 24.06 30.45 -21.13
C ARG C 231 24.56 29.58 -22.28
N TYR C 232 24.83 28.32 -21.99
CA TYR C 232 25.31 27.34 -22.96
C TYR C 232 24.40 27.28 -24.21
N TYR C 233 23.10 27.44 -23.99
CA TYR C 233 22.14 27.38 -25.08
C TYR C 233 22.08 28.69 -25.84
N SER C 234 22.34 29.79 -25.14
CA SER C 234 22.33 31.09 -25.77
C SER C 234 23.50 31.17 -26.75
N ASN C 235 24.65 30.66 -26.30
CA ASN C 235 25.87 30.66 -27.11
C ASN C 235 25.68 29.97 -28.45
N LEU C 236 24.86 28.92 -28.49
CA LEU C 236 24.62 28.20 -29.73
C LEU C 236 23.92 29.09 -30.74
N LEU C 237 23.04 29.96 -30.25
CA LEU C 237 22.31 30.87 -31.13
C LEU C 237 23.25 31.86 -31.82
N GLN C 238 24.39 32.14 -31.20
CA GLN C 238 25.36 33.06 -31.79
C GLN C 238 26.60 32.31 -32.28
N LEU C 239 26.42 31.02 -32.56
CA LEU C 239 27.48 30.14 -33.04
C LEU C 239 28.74 30.11 -32.18
N ASN C 240 28.56 30.22 -30.86
CA ASN C 240 29.69 30.21 -29.93
C ASN C 240 29.86 28.89 -29.17
N GLY C 241 29.34 27.81 -29.75
CA GLY C 241 29.47 26.50 -29.13
C GLY C 241 30.89 26.02 -29.37
N LEU C 242 31.60 25.65 -28.30
CA LEU C 242 33.00 25.21 -28.40
C LEU C 242 33.22 23.89 -29.14
N LEU C 243 32.56 22.83 -28.68
CA LEU C 243 32.74 21.53 -29.30
C LEU C 243 31.87 21.37 -30.54
N GLN C 244 32.29 20.45 -31.41
CA GLN C 244 31.58 20.16 -32.64
C GLN C 244 30.20 19.56 -32.35
N SER C 245 30.12 18.70 -31.35
CA SER C 245 28.86 18.05 -30.98
C SER C 245 27.91 19.00 -30.25
N ASP C 246 28.41 20.14 -29.80
CA ASP C 246 27.58 21.13 -29.12
C ASP C 246 26.75 21.90 -30.16
N GLN C 247 27.46 22.55 -31.07
CA GLN C 247 26.87 23.35 -32.13
C GLN C 247 25.87 22.55 -33.00
N GLU C 248 26.22 21.32 -33.32
CA GLU C 248 25.37 20.46 -34.15
C GLU C 248 23.93 20.37 -33.67
N LEU C 249 23.68 20.70 -32.40
CA LEU C 249 22.33 20.65 -31.85
C LEU C 249 21.46 21.75 -32.44
N PHE C 250 22.11 22.82 -32.90
CA PHE C 250 21.42 23.97 -33.48
C PHE C 250 21.70 24.18 -34.97
N SER C 251 22.94 23.94 -35.39
CA SER C 251 23.32 24.15 -36.77
C SER C 251 23.22 22.94 -37.72
N THR C 252 22.30 22.02 -37.42
CA THR C 252 22.12 20.84 -38.27
C THR C 252 20.82 21.05 -39.05
N PRO C 253 20.91 21.58 -40.29
CA PRO C 253 19.70 21.80 -41.09
C PRO C 253 18.74 20.62 -41.04
N GLY C 254 17.51 20.90 -40.63
CA GLY C 254 16.50 19.87 -40.50
C GLY C 254 16.14 19.92 -39.03
N ALA C 255 17.15 19.68 -38.20
CA ALA C 255 17.02 19.75 -36.75
C ALA C 255 16.26 18.62 -36.05
N ASP C 256 15.27 19.04 -35.27
CA ASP C 256 14.43 18.20 -34.43
C ASP C 256 14.74 18.68 -33.02
N THR C 257 16.03 18.95 -32.80
CA THR C 257 16.49 19.45 -31.51
C THR C 257 16.51 20.98 -31.44
N ILE C 258 16.45 21.64 -32.60
CA ILE C 258 16.45 23.11 -32.63
C ILE C 258 15.37 23.74 -31.77
N PRO C 259 14.11 23.31 -31.95
CA PRO C 259 13.07 23.94 -31.12
C PRO C 259 13.38 23.80 -29.61
N ILE C 260 14.00 22.68 -29.22
CA ILE C 260 14.34 22.44 -27.82
C ILE C 260 15.45 23.39 -27.36
N VAL C 261 16.46 23.62 -28.20
CA VAL C 261 17.53 24.54 -27.85
C VAL C 261 16.93 25.92 -27.65
N ASN C 262 16.06 26.30 -28.58
CA ASN C 262 15.39 27.59 -28.51
C ASN C 262 14.61 27.68 -27.21
N SER C 263 13.75 26.69 -26.99
CA SER C 263 12.93 26.65 -25.80
C SER C 263 13.75 26.93 -24.54
N PHE C 264 14.84 26.19 -24.39
CA PHE C 264 15.71 26.33 -23.23
C PHE C 264 16.37 27.70 -23.10
N SER C 265 17.03 28.14 -24.15
CA SER C 265 17.71 29.44 -24.14
C SER C 265 16.78 30.57 -23.69
N SER C 266 15.48 30.36 -23.88
CA SER C 266 14.48 31.36 -23.51
C SER C 266 14.15 31.35 -22.03
N ASN C 267 13.65 30.22 -21.54
CA ASN C 267 13.28 30.07 -20.15
C ASN C 267 14.25 29.17 -19.39
N GLN C 268 15.14 29.78 -18.62
CA GLN C 268 16.13 29.04 -17.85
C GLN C 268 15.49 28.11 -16.83
N ASN C 269 14.37 28.53 -16.26
CA ASN C 269 13.71 27.69 -15.28
C ASN C 269 13.28 26.41 -16.00
N THR C 270 12.78 26.57 -17.23
CA THR C 270 12.34 25.42 -18.01
C THR C 270 13.49 24.45 -18.14
N PHE C 271 14.65 24.98 -18.57
CA PHE C 271 15.83 24.16 -18.73
C PHE C 271 16.12 23.45 -17.40
N PHE C 272 16.20 24.23 -16.33
CA PHE C 272 16.48 23.69 -15.01
C PHE C 272 15.64 22.49 -14.62
N SER C 273 14.36 22.52 -14.94
CA SER C 273 13.49 21.42 -14.55
C SER C 273 13.70 20.13 -15.31
N ASN C 274 13.94 20.22 -16.61
CA ASN C 274 14.16 19.00 -17.38
C ASN C 274 15.42 18.31 -16.88
N PHE C 275 16.38 19.12 -16.44
CA PHE C 275 17.65 18.63 -15.94
C PHE C 275 17.46 17.69 -14.76
N ARG C 276 16.84 18.21 -13.70
CA ARG C 276 16.59 17.43 -12.49
C ARG C 276 16.03 16.05 -12.88
N VAL C 277 15.12 16.06 -13.84
CA VAL C 277 14.50 14.83 -14.33
C VAL C 277 15.50 13.91 -15.03
N SER C 278 16.22 14.48 -16.01
CA SER C 278 17.22 13.75 -16.79
C SER C 278 18.35 13.14 -15.96
N MET C 279 18.81 13.87 -14.93
CA MET C 279 19.89 13.35 -14.09
C MET C 279 19.45 12.14 -13.29
N ILE C 280 18.18 12.11 -12.88
CA ILE C 280 17.65 10.99 -12.11
C ILE C 280 17.61 9.76 -13.02
N LYS C 281 17.07 9.95 -14.21
CA LYS C 281 16.96 8.89 -15.20
C LYS C 281 18.32 8.24 -15.47
N MET C 282 19.34 9.07 -15.67
CA MET C 282 20.69 8.57 -15.93
C MET C 282 21.25 7.81 -14.73
N GLY C 283 20.93 8.28 -13.53
CA GLY C 283 21.42 7.65 -12.32
C GLY C 283 20.73 6.33 -11.99
N ASN C 284 20.00 5.80 -12.97
CA ASN C 284 19.30 4.53 -12.80
C ASN C 284 19.79 3.42 -13.73
N ILE C 285 20.72 3.75 -14.62
CA ILE C 285 21.28 2.81 -15.58
C ILE C 285 22.09 1.66 -14.97
N GLY C 286 21.76 0.43 -15.38
CA GLY C 286 22.45 -0.76 -14.90
C GLY C 286 22.82 -0.82 -13.43
N VAL C 287 21.91 -0.39 -12.57
CA VAL C 287 22.12 -0.38 -11.12
C VAL C 287 22.16 -1.76 -10.44
N LEU C 288 22.93 -1.86 -9.35
CA LEU C 288 23.06 -3.08 -8.55
C LEU C 288 22.42 -2.80 -7.19
N THR C 289 21.40 -3.56 -6.84
CA THR C 289 20.70 -3.34 -5.57
C THR C 289 20.52 -4.59 -4.70
N GLY C 290 19.87 -4.41 -3.56
CA GLY C 290 19.60 -5.51 -2.65
C GLY C 290 20.83 -6.18 -2.05
N ASP C 291 21.20 -7.33 -2.62
CA ASP C 291 22.37 -8.09 -2.16
C ASP C 291 23.41 -8.20 -3.25
N GLU C 292 23.14 -7.58 -4.40
CA GLU C 292 24.07 -7.62 -5.54
C GLU C 292 25.31 -6.81 -5.27
N GLY C 293 26.43 -7.24 -5.83
CA GLY C 293 27.68 -6.52 -5.64
C GLY C 293 28.14 -6.46 -4.20
N GLU C 294 28.78 -5.36 -3.82
CA GLU C 294 29.28 -5.19 -2.46
C GLU C 294 29.36 -3.72 -2.03
N ILE C 295 30.04 -3.49 -0.91
CA ILE C 295 30.27 -2.15 -0.38
C ILE C 295 31.77 -2.05 -0.29
N ARG C 296 32.38 -1.40 -1.27
CA ARG C 296 33.83 -1.23 -1.34
C ARG C 296 34.33 -0.43 -0.13
N LEU C 297 35.44 -0.85 0.47
CA LEU C 297 35.97 -0.13 1.62
C LEU C 297 36.90 0.98 1.12
N GLN C 298 37.53 0.72 -0.02
CA GLN C 298 38.45 1.65 -0.67
C GLN C 298 37.98 1.70 -2.12
N CYS C 299 37.64 2.89 -2.62
CA CYS C 299 37.11 3.00 -3.98
C CYS C 299 38.02 2.67 -5.18
N ASN C 300 39.33 2.53 -4.96
CA ASN C 300 40.24 2.21 -6.06
C ASN C 300 40.51 0.71 -6.25
N PHE C 301 40.23 -0.09 -5.21
CA PHE C 301 40.43 -1.56 -5.26
C PHE C 301 39.25 -2.36 -4.71
N VAL C 302 39.05 -3.56 -5.25
CA VAL C 302 37.97 -4.44 -4.79
C VAL C 302 38.33 -4.97 -3.41
N ASN C 303 37.32 -5.30 -2.60
CA ASN C 303 37.59 -5.79 -1.25
C ASN C 303 38.52 -7.00 -1.23
N GLY C 304 39.78 -6.74 -0.85
CA GLY C 304 40.78 -7.81 -0.78
C GLY C 304 41.60 -7.98 -2.05
#